data_6K24
#
_entry.id   6K24
#
_cell.length_a   59.082
_cell.length_b   149.182
_cell.length_c   65.213
_cell.angle_alpha   90.000
_cell.angle_beta   99.760
_cell.angle_gamma   90.000
#
_symmetry.space_group_name_H-M   'P 1 21 1'
#
loop_
_entity.id
_entity.type
_entity.pdbx_description
1 polymer 'Bifunctional cytochrome P450/NADPH--P450 reductase'
2 non-polymer '(2S)-2-[[(1R,4aR,4bR,10aR)-1,4a-dimethyl-7-propan-2-yl-2,3,4,4b,5,6,10,10a-octahydrophenanthren-1-yl]carbonylamino]-3-( 1H-indol-3-yl)propanoic acid'
3 non-polymer 'MESOPORPHYRIN IX CONTAINING Rh'
4 non-polymer 'DIMETHYL SULFOXIDE'
5 water water
#
_entity_poly.entity_id   1
_entity_poly.type   'polypeptide(L)'
_entity_poly.pdbx_seq_one_letter_code
;MWSHPQFEKSSGENLYFQGTIKEMPQPKTFGELKNLPLLNTDKPVQALMKIADELGEIFKFEAPGRVTRYLSSQRLIKEA
CDESRFDKNLSQALKFVRDFAGDGLFTSWTHEKNWKKAHNILLPSFSQQAMKGYHAMMVDIAVQLVQKWERLNADEHIEV
PEDMTRLTLDTIGLCGFNYRFNSFYRDQPHPFITSMVRALDEAMNKLQRANPDDPAYDENKRQFQEDIKVMNDLVDKIIA
DRKASGEQSDDLLTHMLNGKDPETGEPLDDENIRYQIITFLIAGHETTSGLLSFALYFLVKNPHVLQKAAEEAARVLVDP
VPSYKQVKQLKYVGMVLNEALRLWPTAPAFSLYAKEDTVLGGEYPLEKGDELMVLIPQLHRDKTIWGDDVEEFRPERFEN
PSAIPQHAFKPFGNGQRACIGQQFALHEATLVLGMMLKHFDFEDHTNYELDIKETLTLKPEGFVVKAKSKKIPLGLPATG
G
;
_entity_poly.pdbx_strand_id   A,B
#
loop_
_chem_comp.id
_chem_comp.type
_chem_comp.name
_chem_comp.formula
CV0 non-polymer 'MESOPORPHYRIN IX CONTAINING Rh' 'C34 H36 N4 O4 Rh'
DMS non-polymer 'DIMETHYL SULFOXIDE' 'C2 H6 O S'
WAA non-polymer '(2S)-2-[[(1R,4aR,4bR,10aR)-1,4a-dimethyl-7-propan-2-yl-2,3,4,4b,5,6,10,10a-octahydrophenanthren-1-yl]carbonylamino]-3-( 1H-indol-3-yl)propanoic acid' 'C31 H40 N2 O3'
#
# COMPACT_ATOMS: atom_id res chain seq x y z
N ILE A 21 -9.44 37.76 48.71
CA ILE A 21 -8.81 36.68 47.87
C ILE A 21 -9.51 35.34 48.18
N LYS A 22 -9.69 34.50 47.17
CA LYS A 22 -10.24 33.12 47.29
C LYS A 22 -9.06 32.13 47.41
N GLU A 23 -9.16 31.16 48.32
CA GLU A 23 -8.31 29.94 48.33
C GLU A 23 -8.81 29.01 47.23
N MET A 24 -8.06 28.88 46.13
CA MET A 24 -8.51 28.07 44.97
C MET A 24 -8.53 26.60 45.38
N PRO A 25 -9.52 25.82 44.90
CA PRO A 25 -9.56 24.38 45.15
C PRO A 25 -8.28 23.63 44.73
N GLN A 26 -8.09 22.44 45.32
CA GLN A 26 -7.02 21.45 45.01
C GLN A 26 -7.66 20.06 45.03
N PRO A 27 -7.32 19.13 44.10
CA PRO A 27 -7.86 17.78 44.12
C PRO A 27 -7.19 16.91 45.20
N LYS A 28 -7.62 15.66 45.34
CA LYS A 28 -7.16 14.75 46.43
C LYS A 28 -5.62 14.65 46.42
N THR A 29 -5.02 14.52 47.60
CA THR A 29 -3.54 14.50 47.80
C THR A 29 -3.08 13.09 48.22
N PHE A 30 -1.78 12.83 48.02
CA PHE A 30 -1.14 11.49 48.20
C PHE A 30 0.07 11.68 49.13
N GLY A 31 -0.10 12.29 50.30
CA GLY A 31 1.00 12.62 51.22
C GLY A 31 2.10 13.41 50.50
N GLU A 32 3.33 12.89 50.49
CA GLU A 32 4.51 13.60 49.89
C GLU A 32 4.24 13.96 48.43
N LEU A 33 3.67 13.04 47.65
CA LEU A 33 3.59 13.17 46.16
C LEU A 33 2.55 14.20 45.74
N LYS A 34 1.80 14.76 46.71
CA LYS A 34 0.73 15.77 46.49
C LYS A 34 -0.30 15.17 45.52
N ASN A 35 -0.54 15.81 44.36
CA ASN A 35 -1.53 15.42 43.33
C ASN A 35 -0.89 14.58 42.23
N LEU A 36 0.44 14.38 42.25
CA LEU A 36 1.22 13.78 41.13
C LEU A 36 0.55 12.49 40.67
N PRO A 37 0.16 11.54 41.57
CA PRO A 37 -0.47 10.28 41.14
C PRO A 37 -1.74 10.40 40.28
N LEU A 38 -2.41 11.56 40.23
CA LEU A 38 -3.64 11.75 39.39
C LEU A 38 -3.29 11.76 37.90
N LEU A 39 -2.04 12.14 37.55
CA LEU A 39 -1.49 12.11 36.17
C LEU A 39 -0.81 10.77 35.87
N ASN A 40 -0.83 9.83 36.82
CA ASN A 40 -0.35 8.44 36.62
C ASN A 40 -1.46 7.58 36.02
N THR A 41 -1.92 7.91 34.80
CA THR A 41 -3.15 7.41 34.13
C THR A 41 -3.00 7.55 32.61
N ASP A 42 -3.67 6.71 31.80
CA ASP A 42 -3.43 6.69 30.34
C ASP A 42 -4.35 7.72 29.65
N LYS A 43 -5.26 8.38 30.38
CA LYS A 43 -6.17 9.43 29.88
C LYS A 43 -6.13 10.64 30.79
N PRO A 44 -4.96 11.32 30.92
CA PRO A 44 -4.83 12.45 31.84
C PRO A 44 -5.72 13.67 31.51
N VAL A 45 -5.93 14.00 30.24
CA VAL A 45 -6.80 15.16 29.89
C VAL A 45 -8.22 14.87 30.37
N GLN A 46 -8.74 13.68 30.07
CA GLN A 46 -10.08 13.24 30.54
C GLN A 46 -10.09 13.18 32.08
N ALA A 47 -9.08 12.60 32.73
CA ALA A 47 -9.02 12.65 34.21
C ALA A 47 -9.17 14.12 34.64
N LEU A 48 -8.36 15.04 34.07
CA LEU A 48 -8.34 16.49 34.43
C LEU A 48 -9.69 17.16 34.13
N MET A 49 -10.42 16.70 33.11
CA MET A 49 -11.75 17.27 32.77
C MET A 49 -12.78 16.94 33.86
N LYS A 50 -12.65 15.78 34.48
CA LYS A 50 -13.59 15.25 35.51
C LYS A 50 -13.30 15.96 36.85
N ILE A 51 -12.04 16.22 37.13
CA ILE A 51 -11.61 17.08 38.27
C ILE A 51 -12.20 18.49 38.07
N ALA A 52 -12.13 19.07 36.86
CA ALA A 52 -12.70 20.41 36.55
C ALA A 52 -14.21 20.40 36.82
N ASP A 53 -14.93 19.36 36.42
CA ASP A 53 -16.40 19.25 36.68
C ASP A 53 -16.65 19.42 38.18
N GLU A 54 -15.89 18.74 39.04
CA GLU A 54 -16.06 18.79 40.51
C GLU A 54 -15.62 20.15 41.07
N LEU A 55 -14.41 20.60 40.74
CA LEU A 55 -13.70 21.72 41.42
C LEU A 55 -14.07 23.06 40.77
N GLY A 56 -14.39 23.09 39.48
CA GLY A 56 -14.85 24.29 38.75
C GLY A 56 -13.74 24.97 37.94
N GLU A 57 -13.84 26.29 37.79
CA GLU A 57 -13.12 27.11 36.79
C GLU A 57 -11.61 27.21 37.07
N ILE A 58 -11.13 26.95 38.29
CA ILE A 58 -9.67 26.89 38.58
C ILE A 58 -9.39 25.94 39.73
N PHE A 59 -8.36 25.11 39.61
CA PHE A 59 -7.84 24.32 40.74
C PHE A 59 -6.33 24.33 40.64
N LYS A 60 -5.70 24.22 41.80
CA LYS A 60 -4.24 24.13 41.97
C LYS A 60 -3.85 22.66 41.87
N PHE A 61 -2.61 22.40 41.44
CA PHE A 61 -2.05 21.05 41.21
C PHE A 61 -0.61 21.13 41.69
N GLU A 62 -0.29 20.40 42.75
CA GLU A 62 1.06 20.41 43.33
C GLU A 62 1.69 19.06 43.05
N ALA A 63 3.02 19.05 42.97
CA ALA A 63 3.88 17.85 42.86
C ALA A 63 5.19 18.21 43.55
N PRO A 64 6.04 17.22 43.90
CA PRO A 64 7.20 17.45 44.77
C PRO A 64 7.96 18.76 44.47
N GLY A 65 8.27 19.04 43.20
CA GLY A 65 9.11 20.20 42.83
C GLY A 65 8.41 21.27 42.01
N ARG A 66 7.08 21.34 42.00
CA ARG A 66 6.33 22.20 41.04
C ARG A 66 4.88 22.41 41.48
N VAL A 67 4.23 23.40 40.88
CA VAL A 67 2.81 23.78 41.13
C VAL A 67 2.24 24.45 39.87
N THR A 68 1.04 24.04 39.43
CA THR A 68 0.36 24.63 38.26
C THR A 68 -1.13 24.76 38.52
N ARG A 69 -1.80 25.70 37.87
CA ARG A 69 -3.24 25.96 38.06
C ARG A 69 -3.95 25.70 36.73
N TYR A 70 -5.04 24.94 36.75
CA TYR A 70 -5.78 24.50 35.55
C TYR A 70 -7.01 25.39 35.41
N LEU A 71 -7.12 26.12 34.28
CA LEU A 71 -8.29 27.01 34.03
C LEU A 71 -9.30 26.34 33.10
N SER A 72 -10.59 26.57 33.31
CA SER A 72 -11.70 25.89 32.57
C SER A 72 -12.78 26.86 32.13
N SER A 73 -12.84 28.09 32.66
CA SER A 73 -13.91 29.06 32.35
C SER A 73 -13.42 30.08 31.32
N GLN A 74 -14.30 30.53 30.42
CA GLN A 74 -14.06 31.69 29.52
C GLN A 74 -13.69 32.92 30.38
N ARG A 75 -14.25 33.04 31.59
CA ARG A 75 -14.03 34.18 32.51
C ARG A 75 -12.52 34.33 32.81
N LEU A 76 -11.87 33.26 33.29
CA LEU A 76 -10.44 33.33 33.71
C LEU A 76 -9.51 33.24 32.49
N ILE A 77 -9.84 32.39 31.52
CA ILE A 77 -8.97 32.13 30.33
C ILE A 77 -8.87 33.41 29.48
N LYS A 78 -9.93 34.20 29.36
CA LYS A 78 -9.86 35.46 28.58
C LYS A 78 -8.82 36.40 29.18
N GLU A 79 -8.58 36.33 30.49
CA GLU A 79 -7.52 37.16 31.14
C GLU A 79 -6.15 36.52 30.86
N ALA A 80 -6.01 35.20 31.02
CA ALA A 80 -4.77 34.44 30.75
C ALA A 80 -4.30 34.68 29.31
N CYS A 81 -5.23 34.99 28.42
CA CYS A 81 -4.99 35.27 26.96
C CYS A 81 -4.55 36.73 26.75
N ASP A 82 -4.40 37.49 27.84
CA ASP A 82 -3.87 38.87 27.79
C ASP A 82 -2.36 38.73 27.67
N GLU A 83 -1.83 39.05 26.49
CA GLU A 83 -0.40 38.87 26.17
C GLU A 83 0.42 39.92 26.90
N SER A 84 -0.18 41.02 27.37
CA SER A 84 0.55 42.00 28.21
C SER A 84 0.80 41.40 29.60
N ARG A 85 0.04 40.39 30.01
CA ARG A 85 0.12 39.81 31.39
C ARG A 85 0.68 38.38 31.40
N PHE A 86 0.41 37.60 30.35
CA PHE A 86 0.85 36.18 30.25
C PHE A 86 1.49 35.92 28.88
N ASP A 87 2.59 35.16 28.89
CA ASP A 87 3.28 34.66 27.68
C ASP A 87 3.22 33.12 27.71
N LYS A 88 3.36 32.47 26.55
CA LYS A 88 3.42 31.00 26.39
C LYS A 88 4.54 30.46 27.27
N ASN A 89 4.25 29.42 28.04
CA ASN A 89 5.25 28.63 28.82
C ASN A 89 5.46 27.33 28.05
N LEU A 90 6.68 26.82 28.06
CA LEU A 90 6.98 25.42 27.65
C LEU A 90 6.61 24.48 28.80
N SER A 91 5.51 23.73 28.64
CA SER A 91 5.11 22.59 29.50
C SER A 91 6.24 21.56 29.56
N GLN A 92 6.24 20.70 30.58
CA GLN A 92 7.22 19.57 30.60
C GLN A 92 7.04 18.77 29.30
N ALA A 93 5.81 18.68 28.78
CA ALA A 93 5.53 17.95 27.53
C ALA A 93 6.34 18.58 26.39
N LEU A 94 6.33 19.91 26.29
CA LEU A 94 7.03 20.63 25.20
C LEU A 94 8.55 20.53 25.40
N LYS A 95 9.05 20.66 26.62
CA LYS A 95 10.49 20.49 26.92
C LYS A 95 10.92 19.10 26.45
N PHE A 96 10.06 18.11 26.60
CA PHE A 96 10.42 16.72 26.23
C PHE A 96 10.43 16.62 24.72
N VAL A 97 9.47 17.27 24.05
CA VAL A 97 9.39 17.21 22.57
C VAL A 97 10.58 17.99 22.00
N ARG A 98 10.98 19.07 22.68
CA ARG A 98 12.08 19.98 22.27
C ARG A 98 13.33 19.17 21.91
N ASP A 99 13.57 18.04 22.56
CA ASP A 99 14.78 17.22 22.35
C ASP A 99 14.89 16.81 20.88
N PHE A 100 13.80 16.83 20.09
CA PHE A 100 13.91 16.58 18.62
C PHE A 100 13.26 17.67 17.76
N ALA A 101 12.39 18.51 18.33
CA ALA A 101 11.78 19.68 17.63
C ALA A 101 12.60 20.96 17.89
N GLY A 102 13.60 20.89 18.77
CA GLY A 102 14.58 21.97 19.07
C GLY A 102 13.92 23.32 19.33
N ASP A 103 14.52 24.38 18.82
CA ASP A 103 13.92 25.74 18.85
C ASP A 103 13.12 25.95 17.56
N GLY A 104 12.43 24.91 17.07
CA GLY A 104 11.28 25.11 16.14
C GLY A 104 10.23 26.00 16.77
N LEU A 105 9.30 26.54 15.99
CA LEU A 105 8.33 27.58 16.46
C LEU A 105 7.50 27.06 17.66
N PHE A 106 7.23 25.76 17.71
CA PHE A 106 6.29 25.11 18.65
C PHE A 106 6.94 24.91 20.02
N THR A 107 8.24 24.66 20.07
CA THR A 107 8.96 24.33 21.34
C THR A 107 10.02 25.38 21.68
N SER A 108 9.90 26.59 21.16
CA SER A 108 10.77 27.74 21.53
C SER A 108 10.01 28.74 22.44
N TRP A 109 10.77 29.42 23.32
CA TRP A 109 10.28 30.52 24.17
C TRP A 109 10.12 31.76 23.29
N THR A 110 9.16 32.60 23.63
CA THR A 110 8.83 33.86 22.90
C THR A 110 10.06 34.75 22.79
N HIS A 111 10.98 34.64 23.73
CA HIS A 111 12.17 35.51 23.88
C HIS A 111 13.39 34.94 23.12
N GLU A 112 13.32 33.74 22.55
CA GLU A 112 14.44 33.19 21.75
C GLU A 112 14.39 33.86 20.38
N LYS A 113 15.53 34.36 19.91
CA LYS A 113 15.69 35.05 18.60
C LYS A 113 15.08 34.19 17.49
N ASN A 114 15.39 32.87 17.47
CA ASN A 114 14.89 31.93 16.43
C ASN A 114 13.36 31.85 16.42
N TRP A 115 12.65 32.13 17.52
CA TRP A 115 11.16 32.17 17.51
C TRP A 115 10.69 33.31 16.59
N LYS A 116 11.11 34.54 16.87
CA LYS A 116 10.54 35.75 16.19
C LYS A 116 10.98 35.76 14.71
N LYS A 117 12.24 35.40 14.45
CA LYS A 117 12.83 35.34 13.09
C LYS A 117 12.01 34.34 12.28
N ALA A 118 11.90 33.10 12.77
CA ALA A 118 11.20 32.00 12.07
C ALA A 118 9.71 32.36 11.93
N HIS A 119 9.15 33.10 12.87
CA HIS A 119 7.73 33.55 12.86
C HIS A 119 7.53 34.58 11.73
N ASN A 120 8.42 35.56 11.61
CA ASN A 120 8.32 36.64 10.59
C ASN A 120 8.51 36.03 9.18
N ILE A 121 9.47 35.13 9.04
CA ILE A 121 9.80 34.48 7.74
C ILE A 121 8.65 33.56 7.31
N LEU A 122 8.01 32.83 8.23
CA LEU A 122 7.07 31.73 7.84
C LEU A 122 5.62 32.19 7.71
N LEU A 123 5.15 33.24 8.42
CA LEU A 123 3.73 33.72 8.38
C LEU A 123 3.18 33.86 6.96
N PRO A 124 3.90 34.47 6.01
CA PRO A 124 3.41 34.56 4.62
C PRO A 124 3.19 33.18 3.97
N SER A 125 3.90 32.15 4.42
CA SER A 125 3.84 30.78 3.84
C SER A 125 2.60 30.05 4.38
N PHE A 126 2.01 30.54 5.46
CA PHE A 126 0.89 29.87 6.15
C PHE A 126 -0.37 30.71 6.07
N SER A 127 -0.31 31.81 5.31
N SER A 127 -0.33 31.81 5.32
CA SER A 127 -1.45 32.74 5.08
CA SER A 127 -1.47 32.73 5.14
C SER A 127 -2.57 32.02 4.35
C SER A 127 -2.57 32.03 4.34
N GLN A 128 -3.80 32.53 4.46
CA GLN A 128 -4.99 32.04 3.72
C GLN A 128 -4.78 32.22 2.20
N GLN A 129 -3.94 33.17 1.78
CA GLN A 129 -3.58 33.40 0.36
C GLN A 129 -2.66 32.26 -0.10
N ALA A 130 -1.64 31.92 0.71
CA ALA A 130 -0.66 30.84 0.41
C ALA A 130 -1.38 29.50 0.20
N MET A 131 -2.61 29.38 0.70
CA MET A 131 -3.39 28.12 0.59
C MET A 131 -3.74 27.88 -0.89
N LYS A 132 -3.95 28.95 -1.67
CA LYS A 132 -4.22 28.87 -3.13
C LYS A 132 -3.14 28.00 -3.78
N GLY A 133 -1.86 28.25 -3.45
CA GLY A 133 -0.69 27.52 -3.97
C GLY A 133 -0.61 26.07 -3.49
N TYR A 134 -1.05 25.73 -2.28
CA TYR A 134 -0.90 24.35 -1.72
C TYR A 134 -2.03 23.46 -2.22
N HIS A 135 -3.08 24.08 -2.78
CA HIS A 135 -4.38 23.42 -3.04
C HIS A 135 -4.16 22.18 -3.92
N ALA A 136 -3.44 22.34 -5.04
CA ALA A 136 -3.21 21.27 -6.04
C ALA A 136 -2.59 20.05 -5.32
N MET A 137 -1.53 20.20 -4.53
N MET A 137 -1.54 20.27 -4.53
CA MET A 137 -0.86 19.02 -3.93
CA MET A 137 -0.78 19.21 -3.81
C MET A 137 -1.70 18.45 -2.77
C MET A 137 -1.70 18.50 -2.81
N MET A 138 -2.57 19.26 -2.14
CA MET A 138 -3.60 18.75 -1.18
C MET A 138 -4.61 17.89 -1.94
N VAL A 139 -5.08 18.35 -3.10
CA VAL A 139 -6.05 17.62 -3.96
C VAL A 139 -5.43 16.26 -4.35
N ASP A 140 -4.13 16.20 -4.62
CA ASP A 140 -3.42 14.97 -5.05
C ASP A 140 -3.54 13.90 -3.95
N ILE A 141 -3.34 14.26 -2.68
CA ILE A 141 -3.44 13.24 -1.58
C ILE A 141 -4.92 12.91 -1.31
N ALA A 142 -5.82 13.89 -1.33
CA ALA A 142 -7.29 13.67 -1.09
C ALA A 142 -7.86 12.71 -2.13
N VAL A 143 -7.45 12.86 -3.39
CA VAL A 143 -7.85 11.93 -4.48
C VAL A 143 -7.31 10.52 -4.17
N GLN A 144 -6.09 10.41 -3.68
CA GLN A 144 -5.52 9.09 -3.32
C GLN A 144 -6.44 8.43 -2.29
N LEU A 145 -6.98 9.20 -1.32
CA LEU A 145 -7.82 8.63 -0.25
C LEU A 145 -9.16 8.21 -0.84
N VAL A 146 -9.78 9.06 -1.64
CA VAL A 146 -11.07 8.72 -2.29
C VAL A 146 -10.88 7.44 -3.10
N GLN A 147 -9.85 7.36 -3.95
CA GLN A 147 -9.62 6.14 -4.77
C GLN A 147 -9.39 4.91 -3.89
N LYS A 148 -8.62 5.01 -2.82
CA LYS A 148 -8.48 3.85 -1.91
C LYS A 148 -9.90 3.38 -1.53
N TRP A 149 -10.78 4.30 -1.12
CA TRP A 149 -12.14 3.94 -0.64
C TRP A 149 -13.02 3.40 -1.77
N GLU A 150 -13.01 3.98 -2.99
CA GLU A 150 -13.71 3.46 -4.19
C GLU A 150 -13.27 2.01 -4.49
N ARG A 151 -12.03 1.65 -4.16
CA ARG A 151 -11.45 0.34 -4.57
C ARG A 151 -11.64 -0.73 -3.49
N LEU A 152 -12.30 -0.41 -2.38
CA LEU A 152 -12.62 -1.40 -1.32
C LEU A 152 -13.65 -2.37 -1.89
N ASN A 153 -13.57 -3.63 -1.49
CA ASN A 153 -14.58 -4.67 -1.82
C ASN A 153 -15.78 -4.47 -0.91
N ALA A 154 -16.93 -4.98 -1.33
N ALA A 154 -16.90 -5.13 -1.24
CA ALA A 154 -18.22 -4.92 -0.58
CA ALA A 154 -18.30 -4.79 -0.87
C ALA A 154 -18.02 -5.51 0.82
C ALA A 154 -18.49 -4.50 0.63
N ASP A 155 -18.45 -4.78 1.86
N ASP A 155 -18.21 -5.40 1.57
CA ASP A 155 -18.52 -5.22 3.28
CA ASP A 155 -18.47 -5.03 2.99
C ASP A 155 -17.16 -5.02 3.96
C ASP A 155 -17.16 -5.06 3.79
N GLU A 156 -16.14 -4.60 3.23
N GLU A 156 -16.10 -4.58 3.16
CA GLU A 156 -14.81 -4.23 3.78
CA GLU A 156 -14.79 -4.24 3.78
C GLU A 156 -14.98 -2.90 4.51
C GLU A 156 -14.98 -2.91 4.52
N HIS A 157 -14.38 -2.75 5.69
CA HIS A 157 -14.55 -1.52 6.52
C HIS A 157 -13.31 -0.62 6.47
N ILE A 158 -13.51 0.62 6.87
CA ILE A 158 -12.48 1.69 6.91
C ILE A 158 -12.01 1.86 8.34
N GLU A 159 -10.69 1.84 8.55
CA GLU A 159 -10.09 2.25 9.83
C GLU A 159 -9.87 3.76 9.76
N VAL A 160 -10.70 4.55 10.44
CA VAL A 160 -10.80 6.01 10.19
C VAL A 160 -9.52 6.74 10.58
N PRO A 161 -9.02 6.73 11.84
CA PRO A 161 -7.83 7.50 12.19
C PRO A 161 -6.60 7.14 11.34
N GLU A 162 -6.42 5.83 11.04
CA GLU A 162 -5.26 5.32 10.25
C GLU A 162 -5.28 5.93 8.84
N ASP A 163 -6.42 5.91 8.13
CA ASP A 163 -6.51 6.50 6.77
C ASP A 163 -6.48 8.04 6.83
N MET A 164 -7.08 8.65 7.85
CA MET A 164 -6.99 10.13 7.99
C MET A 164 -5.53 10.50 8.22
N THR A 165 -4.75 9.72 8.97
CA THR A 165 -3.33 10.01 9.32
C THR A 165 -2.44 9.85 8.09
N ARG A 166 -2.75 8.87 7.23
CA ARG A 166 -2.09 8.67 5.92
C ARG A 166 -2.20 9.96 5.12
N LEU A 167 -3.43 10.51 5.04
CA LEU A 167 -3.72 11.69 4.21
C LEU A 167 -2.95 12.90 4.77
N THR A 168 -3.05 13.16 6.08
CA THR A 168 -2.54 14.41 6.70
C THR A 168 -1.00 14.40 6.67
N LEU A 169 -0.36 13.30 7.06
CA LEU A 169 1.12 13.20 6.99
C LEU A 169 1.59 13.40 5.54
N ASP A 170 0.95 12.75 4.55
CA ASP A 170 1.37 12.84 3.14
C ASP A 170 1.20 14.29 2.67
N THR A 171 0.16 14.96 3.13
CA THR A 171 -0.17 16.33 2.67
C THR A 171 0.90 17.30 3.18
N ILE A 172 1.31 17.18 4.43
CA ILE A 172 2.34 18.12 4.95
C ILE A 172 3.69 17.77 4.33
N GLY A 173 3.98 16.48 4.15
CA GLY A 173 5.16 16.04 3.37
C GLY A 173 5.22 16.67 1.98
N LEU A 174 4.16 16.54 1.21
CA LEU A 174 4.15 16.99 -0.21
C LEU A 174 4.18 18.52 -0.30
N CYS A 175 3.28 19.20 0.42
CA CYS A 175 3.07 20.67 0.36
C CYS A 175 4.27 21.39 0.99
N GLY A 176 4.89 20.80 1.99
CA GLY A 176 5.98 21.44 2.74
C GLY A 176 7.31 21.28 2.02
N PHE A 177 7.68 20.04 1.65
CA PHE A 177 9.07 19.67 1.29
C PHE A 177 9.09 18.89 -0.03
N ASN A 178 7.97 18.79 -0.73
CA ASN A 178 7.86 18.08 -2.03
C ASN A 178 8.30 16.62 -1.85
N TYR A 179 8.04 16.03 -0.69
CA TYR A 179 8.47 14.67 -0.32
C TYR A 179 7.22 13.77 -0.22
N ARG A 180 7.26 12.59 -0.85
CA ARG A 180 6.11 11.63 -0.88
C ARG A 180 6.40 10.50 0.11
N PHE A 181 5.74 10.50 1.28
CA PHE A 181 5.75 9.39 2.25
C PHE A 181 5.09 8.14 1.63
N ASN A 182 4.25 8.35 0.61
CA ASN A 182 3.48 7.30 -0.12
C ASN A 182 2.76 6.39 0.88
N SER A 183 2.09 6.99 1.87
CA SER A 183 1.39 6.28 2.96
C SER A 183 0.29 5.35 2.43
N PHE A 184 -0.38 5.68 1.32
CA PHE A 184 -1.50 4.83 0.82
C PHE A 184 -0.94 3.60 0.06
N TYR A 185 0.39 3.45 -0.04
CA TYR A 185 1.08 2.32 -0.71
C TYR A 185 1.63 1.32 0.32
N ARG A 186 1.54 1.60 1.62
CA ARG A 186 2.18 0.74 2.64
C ARG A 186 1.20 0.43 3.76
N ASP A 187 1.36 -0.73 4.40
CA ASP A 187 0.73 -1.12 5.68
C ASP A 187 1.53 -0.43 6.78
N GLN A 188 2.80 -0.81 6.89
CA GLN A 188 3.76 -0.33 7.93
C GLN A 188 4.20 1.08 7.57
N PRO A 189 4.26 1.99 8.56
CA PRO A 189 4.61 3.38 8.29
C PRO A 189 6.04 3.56 7.76
N HIS A 190 6.28 4.68 7.09
CA HIS A 190 7.62 5.11 6.60
C HIS A 190 8.58 5.07 7.77
N PRO A 191 9.89 4.78 7.56
CA PRO A 191 10.87 4.77 8.65
C PRO A 191 11.02 6.03 9.49
N PHE A 192 11.05 7.20 8.85
CA PHE A 192 11.06 8.52 9.53
C PHE A 192 9.94 8.53 10.58
N ILE A 193 8.74 8.13 10.14
CA ILE A 193 7.48 8.14 10.92
C ILE A 193 7.56 7.15 12.07
N THR A 194 8.08 5.94 11.84
CA THR A 194 8.31 4.96 12.93
C THR A 194 9.10 5.65 14.05
N SER A 195 10.22 6.28 13.70
CA SER A 195 11.13 6.95 14.68
C SER A 195 10.41 8.13 15.34
N MET A 196 9.65 8.91 14.57
CA MET A 196 8.92 10.11 15.08
C MET A 196 7.84 9.66 16.07
N VAL A 197 7.06 8.64 15.72
CA VAL A 197 5.96 8.11 16.61
C VAL A 197 6.60 7.58 17.91
N ARG A 198 7.69 6.82 17.82
CA ARG A 198 8.40 6.21 18.99
C ARG A 198 8.99 7.33 19.85
N ALA A 199 9.60 8.34 19.22
CA ALA A 199 10.19 9.52 19.88
C ALA A 199 9.10 10.29 20.65
N LEU A 200 7.96 10.58 20.01
CA LEU A 200 6.81 11.28 20.65
C LEU A 200 6.30 10.45 21.83
N ASP A 201 6.22 9.13 21.66
CA ASP A 201 5.78 8.18 22.72
C ASP A 201 6.76 8.19 23.91
N GLU A 202 8.07 8.14 23.65
CA GLU A 202 9.11 8.26 24.72
C GLU A 202 8.88 9.58 25.45
N ALA A 203 8.70 10.70 24.72
CA ALA A 203 8.48 12.05 25.29
C ALA A 203 7.25 12.08 26.20
N MET A 204 6.14 11.47 25.76
N MET A 204 6.14 11.47 25.78
N MET A 204 6.14 11.47 25.75
CA MET A 204 4.86 11.36 26.53
CA MET A 204 4.89 11.44 26.58
CA MET A 204 4.87 11.37 26.53
C MET A 204 5.09 10.49 27.78
C MET A 204 5.06 10.47 27.77
C MET A 204 5.10 10.49 27.78
N ASN A 205 5.77 9.35 27.61
CA ASN A 205 6.00 8.36 28.71
C ASN A 205 6.84 8.98 29.83
N LYS A 206 7.82 9.85 29.50
CA LYS A 206 8.76 10.50 30.47
C LYS A 206 8.00 11.37 31.48
N LEU A 207 6.81 11.85 31.14
CA LEU A 207 6.03 12.74 32.05
C LEU A 207 5.75 11.99 33.37
N GLN A 208 5.20 10.78 33.30
CA GLN A 208 4.74 9.98 34.48
C GLN A 208 5.76 8.87 34.80
N ARG A 209 6.98 8.96 34.27
CA ARG A 209 8.08 8.03 34.58
C ARG A 209 8.84 8.56 35.80
N ALA A 210 8.61 7.96 36.97
CA ALA A 210 9.39 8.21 38.21
C ALA A 210 10.69 7.39 38.14
N ASN A 211 11.81 7.97 38.57
CA ASN A 211 13.18 7.35 38.52
C ASN A 211 13.58 7.08 37.06
N PRO A 212 13.63 8.10 36.18
CA PRO A 212 14.05 7.91 34.78
C PRO A 212 15.54 7.62 34.55
N ASP A 213 16.39 7.69 35.58
CA ASP A 213 17.85 7.39 35.48
C ASP A 213 18.11 5.92 35.83
N ASP A 214 17.08 5.18 36.27
CA ASP A 214 17.11 3.70 36.44
C ASP A 214 17.57 3.04 35.14
N PRO A 215 18.61 2.16 35.16
CA PRO A 215 19.11 1.50 33.95
C PRO A 215 18.11 0.69 33.10
N ALA A 216 16.88 0.46 33.57
CA ALA A 216 15.79 -0.21 32.82
C ALA A 216 15.37 0.65 31.61
N TYR A 217 15.57 1.97 31.68
CA TYR A 217 15.24 2.93 30.59
C TYR A 217 16.47 3.20 29.70
N ASP A 218 17.54 2.40 29.82
CA ASP A 218 18.76 2.53 28.99
C ASP A 218 18.40 2.22 27.53
N GLU A 219 17.56 1.20 27.32
CA GLU A 219 17.07 0.84 25.95
C GLU A 219 16.16 1.96 25.40
N ASN A 220 15.38 2.61 26.27
CA ASN A 220 14.52 3.77 25.88
C ASN A 220 15.43 4.92 25.39
N LYS A 221 16.47 5.26 26.17
CA LYS A 221 17.41 6.38 25.91
C LYS A 221 18.24 6.09 24.66
N ARG A 222 18.79 4.88 24.56
CA ARG A 222 19.57 4.39 23.39
C ARG A 222 18.69 4.53 22.13
N GLN A 223 17.46 4.00 22.18
CA GLN A 223 16.46 4.00 21.08
C GLN A 223 16.06 5.45 20.78
N PHE A 224 15.92 6.28 21.81
CA PHE A 224 15.52 7.70 21.69
C PHE A 224 16.59 8.41 20.84
N GLN A 225 17.87 8.21 21.15
CA GLN A 225 19.01 8.84 20.41
C GLN A 225 19.00 8.33 18.96
N GLU A 226 18.71 7.04 18.74
CA GLU A 226 18.65 6.47 17.36
C GLU A 226 17.52 7.17 16.58
N ASP A 227 16.31 7.24 17.13
CA ASP A 227 15.09 7.80 16.49
C ASP A 227 15.33 9.28 16.11
N ILE A 228 15.92 10.03 17.03
CA ILE A 228 16.42 11.41 16.79
C ILE A 228 17.37 11.38 15.58
N LYS A 229 18.42 10.56 15.64
CA LYS A 229 19.42 10.39 14.55
C LYS A 229 18.71 10.16 13.22
N VAL A 230 17.75 9.23 13.19
CA VAL A 230 16.99 8.88 11.94
C VAL A 230 16.35 10.17 11.41
N MET A 231 15.66 10.92 12.27
CA MET A 231 14.86 12.11 11.87
C MET A 231 15.79 13.20 11.32
N ASN A 232 16.86 13.50 12.04
CA ASN A 232 17.89 14.51 11.65
C ASN A 232 18.53 14.17 10.30
N ASP A 233 18.99 12.93 10.11
CA ASP A 233 19.67 12.48 8.87
C ASP A 233 18.74 12.61 7.66
N LEU A 234 17.49 12.15 7.80
N LEU A 234 17.49 12.13 7.78
CA LEU A 234 16.53 12.13 6.68
CA LEU A 234 16.50 12.18 6.65
C LEU A 234 16.13 13.58 6.33
C LEU A 234 16.25 13.65 6.31
N VAL A 235 15.97 14.47 7.32
CA VAL A 235 15.56 15.91 7.09
C VAL A 235 16.76 16.73 6.59
N ASP A 236 17.94 16.56 7.20
CA ASP A 236 19.20 17.25 6.77
C ASP A 236 19.53 16.88 5.30
N LYS A 237 19.35 15.61 4.95
CA LYS A 237 19.46 15.08 3.55
C LYS A 237 18.45 15.81 2.65
N ILE A 238 17.17 15.93 3.06
CA ILE A 238 16.14 16.64 2.26
C ILE A 238 16.66 18.05 2.01
N ILE A 239 17.27 18.68 3.02
CA ILE A 239 17.71 20.11 2.99
C ILE A 239 18.98 20.24 2.11
N ALA A 240 19.97 19.38 2.32
CA ALA A 240 21.19 19.31 1.48
C ALA A 240 20.79 19.12 0.00
N ASP A 241 20.06 18.04 -0.30
CA ASP A 241 19.58 17.75 -1.68
C ASP A 241 18.97 19.01 -2.30
N ARG A 242 18.10 19.71 -1.57
CA ARG A 242 17.31 20.83 -2.17
C ARG A 242 18.28 21.94 -2.56
N LYS A 243 19.21 22.27 -1.67
CA LYS A 243 20.22 23.34 -1.93
C LYS A 243 21.12 22.90 -3.10
N ALA A 244 21.67 21.68 -3.08
CA ALA A 244 22.54 21.11 -4.14
C ALA A 244 21.79 21.13 -5.48
N SER A 245 20.48 20.87 -5.44
CA SER A 245 19.58 20.82 -6.62
C SER A 245 19.47 22.20 -7.28
N GLY A 246 19.21 23.24 -6.47
CA GLY A 246 18.86 24.60 -6.95
C GLY A 246 17.41 24.72 -7.38
N GLU A 247 16.61 23.63 -7.33
CA GLU A 247 15.17 23.65 -7.76
C GLU A 247 14.40 24.61 -6.86
N GLN A 248 13.47 25.37 -7.43
CA GLN A 248 12.65 26.37 -6.71
C GLN A 248 11.21 25.84 -6.64
N SER A 249 11.04 24.64 -6.07
N SER A 249 11.04 24.64 -6.07
CA SER A 249 9.72 24.04 -5.77
CA SER A 249 9.73 24.03 -5.75
C SER A 249 8.95 24.99 -4.86
C SER A 249 8.95 24.98 -4.85
N ASP A 250 7.79 25.48 -5.29
CA ASP A 250 6.92 26.34 -4.44
C ASP A 250 6.51 25.48 -3.24
N ASP A 251 7.18 25.71 -2.11
CA ASP A 251 6.94 24.94 -0.86
C ASP A 251 7.64 25.62 0.33
N LEU A 252 7.46 25.06 1.52
CA LEU A 252 7.99 25.61 2.79
C LEU A 252 9.51 25.54 2.79
N LEU A 253 10.09 24.43 2.33
CA LEU A 253 11.57 24.29 2.35
C LEU A 253 12.19 25.43 1.51
N THR A 254 11.62 25.72 0.33
CA THR A 254 12.06 26.81 -0.61
C THR A 254 11.96 28.17 0.10
N HIS A 255 10.78 28.51 0.63
CA HIS A 255 10.52 29.78 1.36
C HIS A 255 11.52 29.93 2.52
N MET A 256 11.97 28.82 3.13
CA MET A 256 12.80 28.84 4.35
C MET A 256 14.28 28.97 3.98
N LEU A 257 14.67 28.50 2.79
CA LEU A 257 16.07 28.63 2.31
C LEU A 257 16.26 30.02 1.70
N ASN A 258 15.22 30.62 1.09
CA ASN A 258 15.28 31.93 0.39
C ASN A 258 14.81 33.08 1.28
N GLY A 259 14.03 32.79 2.34
CA GLY A 259 13.36 33.77 3.20
C GLY A 259 14.35 34.60 4.02
N LYS A 260 14.02 35.86 4.25
CA LYS A 260 14.80 36.71 5.17
C LYS A 260 13.80 37.47 6.03
N ASP A 261 14.11 37.51 7.32
CA ASP A 261 13.35 38.21 8.37
C ASP A 261 13.44 39.71 8.11
N PRO A 262 12.31 40.39 7.86
CA PRO A 262 12.30 41.85 7.64
C PRO A 262 13.01 42.63 8.75
N GLU A 263 12.75 42.22 9.99
CA GLU A 263 13.23 42.86 11.24
C GLU A 263 14.78 42.86 11.27
N THR A 264 15.42 41.69 11.28
CA THR A 264 16.89 41.56 11.51
C THR A 264 17.67 41.31 10.21
N GLY A 265 16.99 41.23 9.06
CA GLY A 265 17.63 40.96 7.75
C GLY A 265 18.15 39.52 7.62
N GLU A 266 18.12 38.70 8.69
CA GLU A 266 18.76 37.35 8.68
C GLU A 266 17.80 36.27 8.16
N PRO A 267 18.37 35.21 7.56
CA PRO A 267 17.64 33.98 7.23
C PRO A 267 17.79 32.91 8.31
N LEU A 268 16.91 31.91 8.35
CA LEU A 268 17.05 30.75 9.27
C LEU A 268 18.28 29.95 8.82
N ASP A 269 19.02 29.35 9.75
CA ASP A 269 20.13 28.44 9.40
C ASP A 269 19.56 27.04 9.13
N ASP A 270 20.40 26.11 8.66
CA ASP A 270 19.98 24.77 8.20
C ASP A 270 19.45 23.97 9.38
N GLU A 271 20.08 24.10 10.54
CA GLU A 271 19.65 23.34 11.74
C GLU A 271 18.23 23.78 12.13
N ASN A 272 17.95 25.08 12.09
CA ASN A 272 16.63 25.60 12.52
C ASN A 272 15.58 25.24 11.47
N ILE A 273 15.93 25.25 10.17
CA ILE A 273 15.00 24.75 9.11
C ILE A 273 14.61 23.29 9.43
N ARG A 274 15.57 22.46 9.81
CA ARG A 274 15.31 21.05 10.13
C ARG A 274 14.23 20.98 11.22
N TYR A 275 14.49 21.60 12.37
CA TYR A 275 13.53 21.70 13.50
C TYR A 275 12.15 22.11 12.99
N GLN A 276 12.03 23.08 12.07
CA GLN A 276 10.70 23.52 11.57
C GLN A 276 10.05 22.36 10.80
N ILE A 277 10.79 21.67 9.92
CA ILE A 277 10.20 20.55 9.13
C ILE A 277 9.79 19.43 10.11
N ILE A 278 10.60 19.14 11.13
CA ILE A 278 10.24 18.12 12.15
C ILE A 278 8.95 18.55 12.87
N THR A 279 8.86 19.82 13.28
CA THR A 279 7.66 20.37 13.97
C THR A 279 6.42 20.20 13.07
N PHE A 280 6.55 20.53 11.79
CA PHE A 280 5.43 20.46 10.82
C PHE A 280 4.97 19.02 10.67
N LEU A 281 5.91 18.07 10.55
CA LEU A 281 5.62 16.62 10.41
C LEU A 281 4.97 16.08 11.68
N ILE A 282 5.37 16.54 12.85
CA ILE A 282 4.63 16.19 14.10
C ILE A 282 3.20 16.76 13.96
N ALA A 283 3.06 18.04 13.63
CA ALA A 283 1.76 18.74 13.71
C ALA A 283 0.79 18.06 12.73
N GLY A 284 1.26 17.70 11.55
CA GLY A 284 0.42 17.18 10.46
C GLY A 284 0.16 15.69 10.57
N HIS A 285 0.67 15.02 11.60
CA HIS A 285 0.41 13.58 11.84
C HIS A 285 -0.95 13.48 12.57
N GLU A 286 -1.00 12.84 13.74
CA GLU A 286 -2.29 12.48 14.39
C GLU A 286 -2.98 13.74 14.93
N THR A 287 -2.24 14.81 15.21
CA THR A 287 -2.83 16.10 15.63
C THR A 287 -3.87 16.58 14.61
N THR A 288 -3.52 16.60 13.34
CA THR A 288 -4.42 17.10 12.27
C THR A 288 -5.44 16.02 11.91
N SER A 289 -5.04 14.76 11.83
CA SER A 289 -5.95 13.68 11.37
C SER A 289 -7.02 13.48 12.45
N GLY A 290 -6.65 13.68 13.71
CA GLY A 290 -7.60 13.74 14.84
C GLY A 290 -8.84 14.52 14.50
N LEU A 291 -8.71 15.71 13.91
CA LEU A 291 -9.84 16.61 13.57
C LEU A 291 -10.81 15.91 12.61
N LEU A 292 -10.28 15.29 11.57
CA LEU A 292 -11.10 14.52 10.59
C LEU A 292 -11.74 13.31 11.25
N SER A 293 -10.99 12.59 12.07
CA SER A 293 -11.49 11.39 12.79
C SER A 293 -12.64 11.79 13.71
N PHE A 294 -12.49 12.84 14.54
CA PHE A 294 -13.57 13.30 15.46
C PHE A 294 -14.74 13.84 14.63
N ALA A 295 -14.48 14.54 13.54
CA ALA A 295 -15.55 15.11 12.67
C ALA A 295 -16.42 13.98 12.09
N LEU A 296 -15.80 13.00 11.41
CA LEU A 296 -16.55 11.89 10.79
C LEU A 296 -17.31 11.12 11.89
N TYR A 297 -16.68 10.88 13.03
CA TYR A 297 -17.37 10.27 14.20
C TYR A 297 -18.63 11.09 14.55
N PHE A 298 -18.50 12.37 14.86
CA PHE A 298 -19.68 13.21 15.20
C PHE A 298 -20.69 13.12 14.05
N LEU A 299 -20.25 13.14 12.80
CA LEU A 299 -21.18 13.12 11.63
C LEU A 299 -22.02 11.85 11.61
N VAL A 300 -21.44 10.67 11.82
CA VAL A 300 -22.19 9.37 11.72
C VAL A 300 -23.02 9.14 13.00
N LYS A 301 -22.71 9.79 14.11
CA LYS A 301 -23.55 9.69 15.33
C LYS A 301 -24.75 10.63 15.21
N ASN A 302 -24.72 11.58 14.28
CA ASN A 302 -25.72 12.67 14.14
C ASN A 302 -26.20 12.72 12.69
N PRO A 303 -27.03 11.75 12.25
CA PRO A 303 -27.46 11.65 10.84
C PRO A 303 -28.04 12.90 10.16
N HIS A 304 -28.77 13.76 10.88
CA HIS A 304 -29.36 15.00 10.29
C HIS A 304 -28.24 16.00 10.02
N VAL A 305 -27.17 15.97 10.80
CA VAL A 305 -25.99 16.87 10.58
C VAL A 305 -25.22 16.34 9.36
N LEU A 306 -25.03 15.03 9.26
CA LEU A 306 -24.31 14.41 8.11
C LEU A 306 -25.05 14.76 6.81
N GLN A 307 -26.38 14.59 6.81
CA GLN A 307 -27.29 14.79 5.66
C GLN A 307 -27.08 16.21 5.14
N LYS A 308 -27.11 17.19 6.03
CA LYS A 308 -26.98 18.64 5.72
C LYS A 308 -25.58 18.89 5.18
N ALA A 309 -24.55 18.32 5.82
CA ALA A 309 -23.15 18.44 5.34
C ALA A 309 -23.02 17.84 3.93
N ALA A 310 -23.64 16.68 3.67
CA ALA A 310 -23.54 15.98 2.36
C ALA A 310 -24.24 16.81 1.26
N GLU A 311 -25.42 17.37 1.56
CA GLU A 311 -26.18 18.26 0.64
C GLU A 311 -25.34 19.48 0.23
N GLU A 312 -24.62 20.12 1.17
CA GLU A 312 -23.67 21.22 0.86
C GLU A 312 -22.53 20.71 -0.05
N ALA A 313 -21.88 19.60 0.32
CA ALA A 313 -20.79 18.99 -0.48
C ALA A 313 -21.24 18.83 -1.95
N ALA A 314 -22.33 18.10 -2.16
CA ALA A 314 -22.94 17.76 -3.47
C ALA A 314 -23.28 19.05 -4.23
N ARG A 315 -23.88 20.02 -3.55
CA ARG A 315 -24.27 21.30 -4.19
C ARG A 315 -23.02 22.07 -4.61
N VAL A 316 -21.99 22.15 -3.74
CA VAL A 316 -20.86 23.09 -3.94
C VAL A 316 -19.79 22.44 -4.83
N LEU A 317 -19.56 21.13 -4.69
CA LEU A 317 -18.43 20.45 -5.36
C LEU A 317 -18.91 19.81 -6.67
N VAL A 318 -19.16 20.67 -7.66
CA VAL A 318 -19.83 20.30 -8.95
C VAL A 318 -18.77 19.82 -9.94
N ASP A 319 -17.49 20.10 -9.70
CA ASP A 319 -16.39 19.69 -10.62
C ASP A 319 -15.84 18.34 -10.19
N PRO A 320 -15.22 17.58 -11.13
CA PRO A 320 -14.66 16.27 -10.78
C PRO A 320 -13.59 16.33 -9.66
N VAL A 321 -12.81 17.39 -9.59
CA VAL A 321 -11.88 17.64 -8.44
C VAL A 321 -12.10 19.06 -7.97
N PRO A 322 -12.23 19.30 -6.65
CA PRO A 322 -12.51 20.64 -6.13
C PRO A 322 -11.40 21.67 -6.35
N SER A 323 -11.85 22.90 -6.54
CA SER A 323 -11.03 24.13 -6.64
C SER A 323 -10.91 24.76 -5.25
N TYR A 324 -9.87 25.60 -5.07
CA TYR A 324 -9.68 26.43 -3.87
C TYR A 324 -10.95 27.26 -3.57
N LYS A 325 -11.60 27.79 -4.61
CA LYS A 325 -12.80 28.65 -4.49
C LYS A 325 -13.94 27.85 -3.86
N GLN A 326 -14.17 26.64 -4.36
CA GLN A 326 -15.29 25.80 -3.89
C GLN A 326 -15.09 25.41 -2.42
N VAL A 327 -13.85 25.21 -1.97
CA VAL A 327 -13.57 24.83 -0.55
C VAL A 327 -14.02 25.99 0.34
N LYS A 328 -13.67 27.22 -0.05
CA LYS A 328 -14.10 28.43 0.71
C LYS A 328 -15.62 28.43 0.85
N GLN A 329 -16.36 27.78 -0.07
CA GLN A 329 -17.86 27.78 -0.14
C GLN A 329 -18.44 26.68 0.76
N LEU A 330 -17.64 25.73 1.27
CA LEU A 330 -18.15 24.63 2.13
C LEU A 330 -18.30 25.14 3.56
N LYS A 331 -19.26 26.05 3.78
CA LYS A 331 -19.43 26.81 5.05
C LYS A 331 -19.90 25.86 6.17
N TYR A 332 -20.88 25.01 5.89
CA TYR A 332 -21.46 24.08 6.87
C TYR A 332 -20.39 23.04 7.24
N VAL A 333 -19.58 22.62 6.27
CA VAL A 333 -18.43 21.71 6.54
C VAL A 333 -17.43 22.44 7.47
N GLY A 334 -17.19 23.72 7.22
CA GLY A 334 -16.37 24.60 8.10
C GLY A 334 -16.95 24.62 9.51
N MET A 335 -18.28 24.69 9.62
CA MET A 335 -18.94 24.75 10.93
C MET A 335 -18.82 23.37 11.57
N VAL A 336 -18.89 22.31 10.76
CA VAL A 336 -18.74 20.93 11.31
C VAL A 336 -17.34 20.77 11.93
N LEU A 337 -16.27 21.18 11.24
CA LEU A 337 -14.89 21.11 11.80
C LEU A 337 -14.80 21.97 13.06
N ASN A 338 -15.35 23.17 13.06
CA ASN A 338 -15.29 24.03 14.28
C ASN A 338 -15.95 23.30 15.47
N GLU A 339 -17.10 22.63 15.24
CA GLU A 339 -17.90 21.95 16.29
C GLU A 339 -17.14 20.71 16.78
N ALA A 340 -16.41 20.03 15.89
CA ALA A 340 -15.52 18.90 16.28
C ALA A 340 -14.38 19.47 17.12
N LEU A 341 -13.84 20.63 16.72
CA LEU A 341 -12.76 21.36 17.45
C LEU A 341 -13.29 21.86 18.80
N ARG A 342 -14.58 22.16 18.90
CA ARG A 342 -15.14 22.62 20.20
C ARG A 342 -15.06 21.45 21.16
N LEU A 343 -15.67 20.33 20.80
CA LEU A 343 -15.84 19.17 21.69
C LEU A 343 -14.51 18.46 21.93
N TRP A 344 -13.67 18.24 20.92
CA TRP A 344 -12.42 17.45 21.12
C TRP A 344 -11.23 18.06 20.40
N PRO A 345 -10.70 19.19 20.93
CA PRO A 345 -9.52 19.83 20.34
C PRO A 345 -8.30 18.91 20.47
N THR A 346 -7.64 18.66 19.33
CA THR A 346 -6.61 17.61 19.20
C THR A 346 -5.27 18.11 19.75
N ALA A 347 -5.12 19.39 20.10
CA ALA A 347 -4.02 19.83 20.98
C ALA A 347 -4.62 20.43 22.26
N PRO A 348 -5.08 19.57 23.20
CA PRO A 348 -6.08 19.94 24.20
C PRO A 348 -5.72 20.91 25.34
N ALA A 349 -4.44 21.25 25.50
CA ALA A 349 -3.99 22.16 26.57
C ALA A 349 -2.77 22.94 26.10
N PHE A 350 -2.63 24.14 26.66
CA PHE A 350 -1.42 24.95 26.46
C PHE A 350 -1.15 25.71 27.76
N SER A 351 0.13 26.02 27.97
CA SER A 351 0.66 26.55 29.23
C SER A 351 1.06 28.02 29.04
N LEU A 352 0.83 28.85 30.07
CA LEU A 352 1.15 30.30 30.13
C LEU A 352 1.94 30.56 31.43
N TYR A 353 2.75 31.63 31.46
CA TYR A 353 3.40 32.15 32.68
C TYR A 353 3.09 33.63 32.81
N ALA A 354 2.81 34.05 34.03
CA ALA A 354 2.61 35.45 34.46
C ALA A 354 3.94 36.20 34.27
N LYS A 355 3.99 37.13 33.33
CA LYS A 355 5.19 37.98 33.06
C LYS A 355 5.49 38.88 34.27
N GLU A 356 4.45 39.26 35.00
CA GLU A 356 4.55 40.16 36.17
C GLU A 356 3.63 39.63 37.28
N ASP A 357 3.87 40.03 38.54
CA ASP A 357 2.88 39.87 39.64
C ASP A 357 1.56 40.42 39.12
N THR A 358 0.45 39.73 39.41
CA THR A 358 -0.88 40.12 38.88
C THR A 358 -1.95 39.34 39.66
N VAL A 359 -3.21 39.69 39.43
CA VAL A 359 -4.41 39.15 40.12
C VAL A 359 -5.36 38.65 39.02
N LEU A 360 -5.76 37.38 39.10
CA LEU A 360 -6.64 36.76 38.07
C LEU A 360 -8.09 36.74 38.58
N GLY A 361 -9.02 37.35 37.83
CA GLY A 361 -10.46 37.39 38.16
C GLY A 361 -10.77 38.15 39.45
N GLY A 362 -9.81 38.93 39.95
CA GLY A 362 -9.93 39.75 41.15
C GLY A 362 -9.75 38.94 42.43
N GLU A 363 -9.41 37.66 42.29
CA GLU A 363 -9.52 36.66 43.40
C GLU A 363 -8.15 36.04 43.68
N TYR A 364 -7.47 35.48 42.68
CA TYR A 364 -6.29 34.60 42.91
C TYR A 364 -5.05 35.37 42.50
N PRO A 365 -4.22 35.79 43.48
CA PRO A 365 -3.01 36.56 43.17
C PRO A 365 -1.91 35.63 42.66
N LEU A 366 -1.16 36.08 41.66
CA LEU A 366 -0.08 35.27 41.03
C LEU A 366 1.23 36.05 41.14
N GLU A 367 2.29 35.34 41.50
CA GLU A 367 3.67 35.86 41.51
C GLU A 367 4.27 35.67 40.12
N LYS A 368 5.02 36.65 39.65
CA LYS A 368 5.78 36.57 38.37
C LYS A 368 6.43 35.19 38.26
N GLY A 369 6.20 34.51 37.13
CA GLY A 369 6.74 33.17 36.85
C GLY A 369 5.70 32.09 37.04
N ASP A 370 4.59 32.37 37.76
CA ASP A 370 3.50 31.39 38.06
C ASP A 370 2.91 30.86 36.75
N GLU A 371 2.65 29.55 36.70
CA GLU A 371 2.19 28.85 35.47
C GLU A 371 0.68 28.63 35.54
N LEU A 372 0.01 28.79 34.41
CA LEU A 372 -1.40 28.43 34.15
C LEU A 372 -1.42 27.37 33.06
N MET A 373 -2.25 26.34 33.23
CA MET A 373 -2.64 25.42 32.15
C MET A 373 -4.05 25.79 31.75
N VAL A 374 -4.31 25.94 30.44
CA VAL A 374 -5.67 26.20 29.88
C VAL A 374 -6.19 24.84 29.41
N LEU A 375 -7.34 24.42 29.93
CA LEU A 375 -7.95 23.11 29.63
C LEU A 375 -8.97 23.33 28.52
N ILE A 376 -8.58 23.17 27.26
CA ILE A 376 -9.39 23.72 26.15
C ILE A 376 -10.73 22.99 26.07
N PRO A 377 -10.78 21.65 26.24
CA PRO A 377 -12.05 20.92 26.18
C PRO A 377 -13.08 21.45 27.20
N GLN A 378 -12.59 21.92 28.37
CA GLN A 378 -13.45 22.43 29.48
C GLN A 378 -13.94 23.83 29.15
N LEU A 379 -13.06 24.67 28.60
CA LEU A 379 -13.43 26.01 28.06
C LEU A 379 -14.61 25.81 27.13
N HIS A 380 -14.49 24.87 26.20
CA HIS A 380 -15.48 24.63 25.13
C HIS A 380 -16.80 24.07 25.67
N ARG A 381 -16.87 23.70 26.96
CA ARG A 381 -18.11 23.18 27.60
C ARG A 381 -18.64 24.18 28.65
N ASP A 382 -18.01 25.36 28.79
CA ASP A 382 -18.50 26.46 29.69
C ASP A 382 -19.94 26.81 29.31
N LYS A 383 -20.92 26.46 30.14
CA LYS A 383 -22.36 26.62 29.78
C LYS A 383 -22.76 28.11 29.76
N THR A 384 -22.02 29.01 30.41
CA THR A 384 -22.32 30.47 30.39
C THR A 384 -22.19 30.98 28.96
N ILE A 385 -21.25 30.41 28.21
CA ILE A 385 -20.98 30.76 26.79
C ILE A 385 -21.94 29.99 25.86
N TRP A 386 -21.98 28.66 25.96
CA TRP A 386 -22.60 27.80 24.92
C TRP A 386 -24.01 27.39 25.35
N GLY A 387 -24.46 27.78 26.55
CA GLY A 387 -25.75 27.34 27.10
C GLY A 387 -25.71 25.89 27.57
N ASP A 388 -26.87 25.25 27.70
CA ASP A 388 -27.10 24.01 28.48
C ASP A 388 -26.74 22.76 27.67
N ASP A 389 -26.83 22.84 26.34
CA ASP A 389 -26.63 21.68 25.42
C ASP A 389 -25.16 21.57 24.97
N VAL A 390 -24.20 21.87 25.84
CA VAL A 390 -22.75 21.96 25.46
C VAL A 390 -22.23 20.61 24.96
N GLU A 391 -22.88 19.50 25.32
CA GLU A 391 -22.47 18.11 24.96
C GLU A 391 -23.06 17.71 23.61
N GLU A 392 -23.91 18.54 23.02
CA GLU A 392 -24.62 18.24 21.77
C GLU A 392 -23.78 18.74 20.59
N PHE A 393 -23.82 18.00 19.47
CA PHE A 393 -23.14 18.34 18.20
C PHE A 393 -24.06 19.22 17.36
N ARG A 394 -23.92 20.54 17.50
CA ARG A 394 -24.72 21.58 16.80
C ARG A 394 -23.75 22.51 16.09
N PRO A 395 -23.35 22.20 14.84
CA PRO A 395 -22.53 23.11 14.05
C PRO A 395 -23.15 24.51 13.92
N GLU A 396 -24.46 24.62 14.10
CA GLU A 396 -25.19 25.90 13.90
C GLU A 396 -24.67 26.95 14.92
N ARG A 397 -24.15 26.52 16.07
CA ARG A 397 -23.53 27.44 17.06
C ARG A 397 -22.57 28.43 16.41
N PHE A 398 -21.98 28.09 15.26
CA PHE A 398 -20.86 28.88 14.68
C PHE A 398 -21.37 29.70 13.48
N GLU A 399 -22.68 29.79 13.30
CA GLU A 399 -23.31 30.62 12.23
C GLU A 399 -22.78 32.07 12.27
N ASN A 400 -22.81 32.75 13.42
CA ASN A 400 -22.26 34.13 13.53
C ASN A 400 -21.08 34.17 14.53
N PRO A 401 -19.85 34.49 14.08
CA PRO A 401 -18.71 34.62 15.00
C PRO A 401 -18.84 35.84 15.92
N SER A 402 -19.58 36.86 15.48
CA SER A 402 -19.81 38.10 16.25
C SER A 402 -20.72 37.87 17.46
N ALA A 403 -21.50 36.78 17.48
CA ALA A 403 -22.37 36.39 18.62
C ALA A 403 -21.57 35.62 19.68
N ILE A 404 -20.34 35.20 19.37
CA ILE A 404 -19.49 34.36 20.28
C ILE A 404 -18.57 35.28 21.08
N PRO A 405 -18.59 35.24 22.44
CA PRO A 405 -17.78 36.16 23.23
C PRO A 405 -16.27 35.91 23.07
N GLN A 406 -15.46 36.93 23.38
CA GLN A 406 -13.99 36.90 23.21
C GLN A 406 -13.41 35.72 23.98
N HIS A 407 -12.46 35.02 23.35
CA HIS A 407 -11.62 33.93 23.93
C HIS A 407 -12.47 32.74 24.40
N ALA A 408 -13.67 32.56 23.84
CA ALA A 408 -14.57 31.43 24.14
C ALA A 408 -14.08 30.14 23.46
N PHE A 409 -13.57 30.25 22.22
CA PHE A 409 -13.20 29.13 21.31
C PHE A 409 -11.71 29.22 20.96
N LYS A 410 -10.87 28.36 21.55
CA LYS A 410 -9.39 28.49 21.47
C LYS A 410 -8.73 27.19 20.99
N PRO A 411 -9.26 26.44 20.00
CA PRO A 411 -8.61 25.18 19.62
C PRO A 411 -7.18 25.36 19.07
N PHE A 412 -6.83 26.58 18.63
CA PHE A 412 -5.54 26.88 17.99
C PHE A 412 -4.65 27.72 18.90
N GLY A 413 -4.99 27.82 20.20
CA GLY A 413 -4.20 28.59 21.17
C GLY A 413 -4.48 30.08 21.03
N ASN A 414 -3.48 30.92 21.27
CA ASN A 414 -3.70 32.35 21.59
C ASN A 414 -2.60 33.26 21.04
N GLY A 415 -3.03 34.38 20.43
CA GLY A 415 -2.19 35.55 20.10
C GLY A 415 -1.06 35.18 19.16
N GLN A 416 0.12 35.76 19.38
CA GLN A 416 1.27 35.58 18.48
C GLN A 416 1.80 34.13 18.56
N ARG A 417 1.47 33.39 19.63
CA ARG A 417 1.89 31.97 19.82
C ARG A 417 0.74 31.01 19.45
N ALA A 418 -0.23 31.47 18.67
CA ALA A 418 -1.31 30.62 18.15
C ALA A 418 -0.74 29.72 17.05
N CYS A 419 -1.52 28.73 16.63
CA CYS A 419 -1.08 27.74 15.62
C CYS A 419 -0.88 28.46 14.28
N ILE A 420 0.36 28.53 13.81
CA ILE A 420 0.70 29.05 12.45
C ILE A 420 0.04 28.16 11.38
N GLY A 421 -0.25 26.89 11.68
CA GLY A 421 -0.79 25.92 10.69
C GLY A 421 -2.30 25.94 10.56
N GLN A 422 -3.01 26.88 11.20
CA GLN A 422 -4.50 26.86 11.34
C GLN A 422 -5.19 26.88 9.96
N GLN A 423 -4.78 27.80 9.08
CA GLN A 423 -5.39 27.94 7.72
C GLN A 423 -5.12 26.64 6.93
N PHE A 424 -3.89 26.15 6.96
CA PHE A 424 -3.47 24.90 6.25
C PHE A 424 -4.35 23.75 6.75
N ALA A 425 -4.40 23.53 8.06
CA ALA A 425 -5.14 22.41 8.69
C ALA A 425 -6.62 22.50 8.36
N LEU A 426 -7.21 23.70 8.38
CA LEU A 426 -8.66 23.85 8.09
C LEU A 426 -8.93 23.69 6.60
N HIS A 427 -8.02 24.13 5.72
CA HIS A 427 -8.21 24.00 4.26
C HIS A 427 -8.18 22.52 3.87
N GLU A 428 -7.13 21.80 4.28
CA GLU A 428 -6.99 20.35 4.02
C GLU A 428 -8.20 19.60 4.59
N ALA A 429 -8.64 19.90 5.81
CA ALA A 429 -9.76 19.19 6.46
C ALA A 429 -11.06 19.50 5.73
N THR A 430 -11.27 20.75 5.31
CA THR A 430 -12.51 21.14 4.58
C THR A 430 -12.53 20.44 3.22
N LEU A 431 -11.45 20.54 2.43
CA LEU A 431 -11.30 19.85 1.12
C LEU A 431 -11.64 18.35 1.25
N VAL A 432 -10.93 17.68 2.13
CA VAL A 432 -11.01 16.20 2.30
C VAL A 432 -12.43 15.83 2.78
N LEU A 433 -12.94 16.51 3.79
CA LEU A 433 -14.26 16.15 4.37
C LEU A 433 -15.31 16.29 3.28
N GLY A 434 -15.19 17.39 2.52
CA GLY A 434 -16.08 17.73 1.41
C GLY A 434 -16.07 16.60 0.40
N MET A 435 -14.88 16.20 -0.03
CA MET A 435 -14.75 15.09 -0.99
C MET A 435 -15.33 13.80 -0.40
N MET A 436 -15.10 13.52 0.89
CA MET A 436 -15.68 12.28 1.50
C MET A 436 -17.22 12.33 1.49
N LEU A 437 -17.84 13.47 1.74
CA LEU A 437 -19.33 13.56 1.86
C LEU A 437 -19.98 13.52 0.48
N LYS A 438 -19.31 14.06 -0.53
CA LYS A 438 -19.72 13.97 -1.95
C LYS A 438 -19.64 12.53 -2.46
N HIS A 439 -18.57 11.77 -2.14
CA HIS A 439 -18.24 10.50 -2.84
C HIS A 439 -18.88 9.26 -2.18
N PHE A 440 -19.18 9.34 -0.88
CA PHE A 440 -19.63 8.15 -0.10
C PHE A 440 -20.85 8.51 0.77
N ASP A 441 -21.71 7.52 1.00
CA ASP A 441 -22.60 7.41 2.18
C ASP A 441 -21.83 6.62 3.24
N PHE A 442 -22.02 6.94 4.52
CA PHE A 442 -21.27 6.31 5.64
C PHE A 442 -22.20 5.48 6.52
N GLU A 443 -21.70 4.36 7.04
CA GLU A 443 -22.40 3.44 7.96
C GLU A 443 -21.55 3.23 9.22
N ASP A 444 -22.11 3.52 10.41
CA ASP A 444 -21.49 3.24 11.74
C ASP A 444 -21.79 1.77 12.09
N HIS A 445 -21.29 0.86 11.26
CA HIS A 445 -21.71 -0.55 11.18
C HIS A 445 -21.49 -1.25 12.52
N THR A 446 -20.51 -0.84 13.33
CA THR A 446 -20.22 -1.48 14.65
C THR A 446 -21.00 -0.77 15.77
N ASN A 447 -21.74 0.29 15.47
CA ASN A 447 -22.31 1.20 16.50
C ASN A 447 -21.17 1.58 17.46
N TYR A 448 -20.18 2.31 16.96
CA TYR A 448 -18.87 2.52 17.64
C TYR A 448 -19.08 3.28 18.96
N GLU A 449 -18.49 2.76 20.02
CA GLU A 449 -18.46 3.40 21.36
C GLU A 449 -17.17 4.23 21.46
N LEU A 450 -17.28 5.55 21.63
CA LEU A 450 -16.11 6.46 21.63
C LEU A 450 -15.12 6.04 22.73
N ASP A 451 -13.87 5.77 22.36
CA ASP A 451 -12.77 5.55 23.30
C ASP A 451 -11.63 6.48 22.88
N ILE A 452 -11.38 7.54 23.66
CA ILE A 452 -10.38 8.57 23.29
C ILE A 452 -9.02 8.13 23.84
N LYS A 453 -8.14 7.76 22.93
CA LYS A 453 -6.73 7.44 23.25
C LYS A 453 -5.98 8.77 23.40
N GLU A 454 -5.19 8.93 24.47
CA GLU A 454 -4.36 10.14 24.71
C GLU A 454 -2.88 9.81 24.53
N THR A 455 -2.25 10.49 23.57
CA THR A 455 -0.80 10.46 23.27
C THR A 455 -0.29 11.89 23.37
N LEU A 456 0.36 12.40 22.34
CA LEU A 456 0.63 13.85 22.28
C LEU A 456 -0.67 14.57 21.94
N THR A 457 -1.64 13.82 21.35
CA THR A 457 -2.92 14.31 20.82
C THR A 457 -4.04 13.39 21.32
N LEU A 458 -5.25 13.57 20.80
CA LEU A 458 -6.46 12.76 21.07
C LEU A 458 -6.90 12.12 19.74
N LYS A 459 -7.41 10.88 19.80
N LYS A 459 -7.41 10.88 19.80
CA LYS A 459 -7.99 10.21 18.60
CA LYS A 459 -7.98 10.19 18.61
C LYS A 459 -9.04 9.20 19.04
C LYS A 459 -9.05 9.18 19.04
N PRO A 460 -10.12 9.04 18.23
CA PRO A 460 -11.18 8.07 18.54
C PRO A 460 -10.69 6.66 18.22
N GLU A 461 -10.18 5.96 19.22
CA GLU A 461 -9.41 4.72 18.93
C GLU A 461 -10.39 3.62 18.53
N GLY A 462 -10.06 2.88 17.47
CA GLY A 462 -10.88 1.76 16.98
C GLY A 462 -12.05 2.21 16.13
N PHE A 463 -12.09 3.50 15.76
CA PHE A 463 -13.26 4.08 15.06
C PHE A 463 -13.26 3.59 13.62
N VAL A 464 -14.33 2.87 13.26
CA VAL A 464 -14.42 2.16 11.96
C VAL A 464 -15.77 2.49 11.34
N VAL A 465 -15.80 2.54 10.01
CA VAL A 465 -17.05 2.78 9.25
C VAL A 465 -17.02 1.92 7.98
N LYS A 466 -18.17 1.79 7.32
CA LYS A 466 -18.26 1.31 5.93
C LYS A 466 -18.60 2.53 5.06
N ALA A 467 -18.07 2.60 3.85
CA ALA A 467 -18.38 3.69 2.90
C ALA A 467 -18.97 3.12 1.60
N LYS A 468 -20.25 3.30 1.37
CA LYS A 468 -20.90 2.96 0.08
C LYS A 468 -20.57 4.08 -0.91
N SER A 469 -19.97 3.77 -2.05
CA SER A 469 -19.73 4.78 -3.09
C SER A 469 -21.07 5.27 -3.63
N LYS A 470 -21.17 6.58 -3.88
CA LYS A 470 -22.22 7.18 -4.74
C LYS A 470 -21.88 7.01 -6.23
N LYS A 471 -20.69 6.46 -6.55
CA LYS A 471 -20.24 6.10 -7.92
C LYS A 471 -20.12 7.37 -8.76
N ILE A 472 -19.71 8.48 -8.16
CA ILE A 472 -19.45 9.78 -8.87
C ILE A 472 -17.98 9.78 -9.30
N PRO A 473 -17.67 10.08 -10.60
CA PRO A 473 -16.31 9.92 -11.10
C PRO A 473 -15.42 11.10 -10.68
N LEU A 474 -14.10 10.85 -10.54
CA LEU A 474 -13.05 11.85 -10.21
C LEU A 474 -12.44 12.43 -11.50
N GLY A 475 -12.66 11.76 -12.63
CA GLY A 475 -12.24 12.20 -13.97
C GLY A 475 -13.25 13.14 -14.61
N ILE B 21 18.03 -48.10 -32.43
CA ILE B 21 18.18 -48.61 -31.04
C ILE B 21 19.52 -48.11 -30.48
N LYS B 22 19.50 -47.16 -29.54
CA LYS B 22 20.69 -46.60 -28.84
C LYS B 22 20.42 -46.57 -27.33
N GLU B 23 21.39 -46.97 -26.50
CA GLU B 23 21.37 -46.77 -25.03
C GLU B 23 21.19 -45.27 -24.74
N MET B 24 20.27 -44.94 -23.84
CA MET B 24 19.91 -43.55 -23.46
C MET B 24 20.81 -43.09 -22.31
N PRO B 25 21.48 -41.91 -22.41
CA PRO B 25 22.28 -41.37 -21.31
C PRO B 25 21.55 -41.24 -19.96
N GLN B 26 22.31 -41.23 -18.85
CA GLN B 26 21.80 -41.16 -17.45
C GLN B 26 22.76 -40.31 -16.61
N PRO B 27 22.26 -39.47 -15.67
CA PRO B 27 23.12 -38.63 -14.81
C PRO B 27 23.99 -39.45 -13.84
N LYS B 28 24.70 -38.77 -12.95
CA LYS B 28 25.44 -39.43 -11.86
C LYS B 28 24.46 -40.13 -10.92
N THR B 29 24.94 -41.17 -10.22
CA THR B 29 24.12 -42.09 -9.36
C THR B 29 24.53 -41.90 -7.89
N PHE B 30 23.62 -42.17 -6.93
CA PHE B 30 23.81 -42.03 -5.47
C PHE B 30 23.49 -43.36 -4.75
N GLY B 31 23.80 -44.50 -5.38
CA GLY B 31 23.41 -45.85 -4.90
C GLY B 31 21.98 -46.18 -5.29
N GLU B 32 21.14 -46.56 -4.31
CA GLU B 32 19.73 -46.99 -4.53
C GLU B 32 18.78 -45.77 -4.51
N LEU B 33 19.30 -44.56 -4.31
CA LEU B 33 18.54 -43.29 -4.50
C LEU B 33 18.69 -42.83 -5.97
N LYS B 34 19.43 -43.58 -6.80
CA LYS B 34 19.60 -43.33 -8.26
C LYS B 34 20.09 -41.89 -8.47
N ASN B 35 19.39 -41.08 -9.27
CA ASN B 35 19.74 -39.66 -9.56
C ASN B 35 18.92 -38.71 -8.66
N LEU B 36 17.90 -39.21 -7.95
CA LEU B 36 16.92 -38.40 -7.14
C LEU B 36 17.61 -37.23 -6.42
N PRO B 37 18.81 -37.39 -5.79
CA PRO B 37 19.44 -36.30 -5.03
C PRO B 37 19.83 -35.04 -5.81
N LEU B 38 19.92 -35.12 -7.14
CA LEU B 38 20.29 -33.99 -8.05
C LEU B 38 19.16 -32.94 -8.06
N LEU B 39 17.95 -33.37 -7.66
CA LEU B 39 16.72 -32.53 -7.49
C LEU B 39 16.64 -31.97 -6.06
N ASN B 40 17.56 -32.36 -5.18
CA ASN B 40 17.71 -31.81 -3.81
C ASN B 40 18.57 -30.53 -3.90
N THR B 41 18.11 -29.53 -4.64
CA THR B 41 18.82 -28.24 -4.86
C THR B 41 17.76 -27.14 -4.95
N ASP B 42 18.14 -25.89 -4.70
CA ASP B 42 17.25 -24.69 -4.79
C ASP B 42 16.93 -24.44 -6.28
N LYS B 43 17.75 -24.97 -7.20
CA LYS B 43 17.70 -24.61 -8.65
C LYS B 43 17.65 -25.85 -9.52
N PRO B 44 16.56 -26.65 -9.42
CA PRO B 44 16.44 -27.88 -10.19
C PRO B 44 16.44 -27.68 -11.71
N VAL B 45 15.73 -26.68 -12.22
CA VAL B 45 15.62 -26.49 -13.69
C VAL B 45 17.00 -26.13 -14.23
N GLN B 46 17.69 -25.21 -13.57
CA GLN B 46 19.04 -24.80 -13.98
C GLN B 46 20.00 -26.00 -13.86
N ALA B 47 19.86 -26.87 -12.84
CA ALA B 47 20.67 -28.11 -12.74
C ALA B 47 20.35 -29.04 -13.91
N LEU B 48 19.07 -29.22 -14.24
CA LEU B 48 18.68 -30.15 -15.34
C LEU B 48 19.20 -29.58 -16.68
N MET B 49 19.30 -28.26 -16.81
CA MET B 49 19.82 -27.60 -18.05
C MET B 49 21.33 -27.89 -18.19
N LYS B 50 22.11 -27.75 -17.12
CA LYS B 50 23.57 -28.07 -17.10
C LYS B 50 23.79 -29.57 -17.41
N ILE B 51 22.91 -30.46 -16.93
CA ILE B 51 22.96 -31.93 -17.21
C ILE B 51 22.65 -32.19 -18.69
N ALA B 52 21.55 -31.65 -19.23
CA ALA B 52 21.19 -31.79 -20.67
C ALA B 52 22.35 -31.32 -21.54
N ASP B 53 23.07 -30.26 -21.15
CA ASP B 53 24.18 -29.70 -21.97
C ASP B 53 25.33 -30.71 -22.01
N GLU B 54 25.53 -31.48 -20.94
CA GLU B 54 26.53 -32.57 -20.92
C GLU B 54 25.98 -33.81 -21.63
N LEU B 55 24.72 -34.24 -21.36
CA LEU B 55 24.21 -35.59 -21.77
C LEU B 55 23.52 -35.54 -23.11
N GLY B 56 23.17 -34.35 -23.61
CA GLY B 56 22.51 -34.18 -24.91
C GLY B 56 20.98 -34.26 -24.84
N GLU B 57 20.36 -34.65 -25.95
CA GLU B 57 18.94 -34.38 -26.34
C GLU B 57 17.95 -35.22 -25.52
N ILE B 58 18.39 -36.35 -24.99
CA ILE B 58 17.57 -37.24 -24.10
C ILE B 58 18.50 -37.79 -23.02
N PHE B 59 18.07 -37.71 -21.76
CA PHE B 59 18.63 -38.53 -20.66
C PHE B 59 17.50 -39.09 -19.81
N LYS B 60 17.75 -40.29 -19.29
CA LYS B 60 16.90 -41.02 -18.32
C LYS B 60 17.23 -40.50 -16.94
N PHE B 61 16.24 -40.41 -16.06
CA PHE B 61 16.39 -40.01 -14.63
C PHE B 61 15.67 -41.05 -13.78
N GLU B 62 16.43 -41.90 -13.09
CA GLU B 62 15.84 -42.99 -12.30
C GLU B 62 15.73 -42.46 -10.88
N ALA B 63 14.82 -43.05 -10.12
CA ALA B 63 14.61 -42.86 -8.67
C ALA B 63 13.83 -44.08 -8.20
N PRO B 64 13.69 -44.29 -6.87
CA PRO B 64 12.88 -45.40 -6.35
C PRO B 64 11.44 -45.37 -6.90
N GLY B 65 11.06 -46.38 -7.71
CA GLY B 65 9.67 -46.61 -8.14
C GLY B 65 9.30 -45.87 -9.41
N ARG B 66 10.17 -45.00 -9.93
CA ARG B 66 9.79 -44.22 -11.13
CA ARG B 66 9.83 -44.07 -11.03
C ARG B 66 11.02 -43.95 -12.01
N VAL B 67 10.73 -43.76 -13.30
CA VAL B 67 11.71 -43.36 -14.35
C VAL B 67 11.06 -42.30 -15.23
N THR B 68 11.83 -41.28 -15.60
CA THR B 68 11.37 -40.19 -16.48
C THR B 68 12.48 -39.94 -17.49
N ARG B 69 12.14 -39.48 -18.69
CA ARG B 69 13.11 -39.12 -19.74
C ARG B 69 12.97 -37.61 -20.00
N TYR B 70 14.09 -36.88 -19.98
CA TYR B 70 14.19 -35.42 -20.17
C TYR B 70 14.55 -35.12 -21.62
N LEU B 71 13.65 -34.46 -22.35
CA LEU B 71 13.83 -34.12 -23.79
C LEU B 71 14.25 -32.65 -23.91
N SER B 72 15.30 -32.39 -24.71
CA SER B 72 15.93 -31.05 -24.89
C SER B 72 15.92 -30.58 -26.35
N SER B 73 15.76 -31.48 -27.33
CA SER B 73 15.88 -31.16 -28.78
C SER B 73 14.50 -31.04 -29.41
N GLN B 74 14.39 -30.18 -30.43
CA GLN B 74 13.15 -30.01 -31.22
C GLN B 74 12.84 -31.30 -31.99
N ARG B 75 13.83 -31.95 -32.61
CA ARG B 75 13.67 -33.27 -33.27
C ARG B 75 12.75 -34.18 -32.42
N LEU B 76 13.12 -34.45 -31.18
CA LEU B 76 12.40 -35.39 -30.26
C LEU B 76 11.12 -34.74 -29.69
N ILE B 77 11.14 -33.47 -29.27
CA ILE B 77 9.96 -32.77 -28.65
C ILE B 77 8.84 -32.63 -29.68
N LYS B 78 9.18 -32.40 -30.95
CA LYS B 78 8.18 -32.41 -32.05
C LYS B 78 7.37 -33.71 -32.00
N GLU B 79 8.02 -34.85 -31.73
CA GLU B 79 7.36 -36.18 -31.72
C GLU B 79 6.50 -36.28 -30.46
N ALA B 80 7.08 -35.93 -29.30
CA ALA B 80 6.37 -35.95 -28.00
C ALA B 80 5.11 -35.08 -28.07
N CYS B 81 5.05 -34.09 -28.98
CA CYS B 81 3.92 -33.13 -29.13
C CYS B 81 2.86 -33.67 -30.10
N ASP B 82 3.03 -34.89 -30.60
CA ASP B 82 1.99 -35.61 -31.38
C ASP B 82 0.94 -36.12 -30.38
N GLU B 83 -0.25 -35.54 -30.45
CA GLU B 83 -1.40 -35.84 -29.56
C GLU B 83 -1.92 -37.26 -29.83
N SER B 84 -1.69 -37.80 -31.03
CA SER B 84 -2.05 -39.21 -31.35
C SER B 84 -1.19 -40.16 -30.51
N ARG B 85 0.06 -39.80 -30.20
CA ARG B 85 1.07 -40.70 -29.58
C ARG B 85 1.27 -40.39 -28.09
N PHE B 86 1.18 -39.12 -27.67
CA PHE B 86 1.39 -38.71 -26.25
C PHE B 86 0.30 -37.76 -25.78
N ASP B 87 -0.05 -37.87 -24.50
CA ASP B 87 -1.05 -37.04 -23.79
C ASP B 87 -0.38 -36.37 -22.60
N LYS B 88 -0.98 -35.31 -22.05
CA LYS B 88 -0.40 -34.60 -20.89
C LYS B 88 -0.33 -35.57 -19.72
N ASN B 89 0.78 -35.53 -18.99
CA ASN B 89 0.97 -36.26 -17.71
C ASN B 89 0.89 -35.29 -16.54
N LEU B 90 0.26 -35.70 -15.44
CA LEU B 90 0.42 -35.03 -14.12
C LEU B 90 1.77 -35.47 -13.56
N SER B 91 2.75 -34.59 -13.65
CA SER B 91 4.04 -34.66 -12.93
C SER B 91 3.77 -34.70 -11.43
N GLN B 92 4.74 -35.16 -10.63
CA GLN B 92 4.60 -35.18 -9.15
C GLN B 92 4.32 -33.76 -8.62
N ALA B 93 4.82 -32.73 -9.32
CA ALA B 93 4.56 -31.30 -9.03
C ALA B 93 3.07 -31.03 -9.23
N LEU B 94 2.54 -31.40 -10.37
CA LEU B 94 1.10 -31.12 -10.64
C LEU B 94 0.22 -31.89 -9.66
N LYS B 95 0.65 -33.07 -9.19
CA LYS B 95 -0.18 -33.91 -8.28
C LYS B 95 -0.24 -33.24 -6.92
N PHE B 96 0.85 -32.62 -6.50
CA PHE B 96 0.91 -31.92 -5.19
C PHE B 96 0.05 -30.65 -5.29
N VAL B 97 0.06 -29.96 -6.44
CA VAL B 97 -0.79 -28.74 -6.62
C VAL B 97 -2.27 -29.15 -6.72
N ARG B 98 -2.55 -30.32 -7.27
CA ARG B 98 -3.92 -30.90 -7.31
C ARG B 98 -4.55 -30.98 -5.91
N ASP B 99 -3.76 -31.09 -4.84
CA ASP B 99 -4.29 -31.10 -3.44
C ASP B 99 -5.10 -29.82 -3.19
N PHE B 100 -4.82 -28.71 -3.87
CA PHE B 100 -5.61 -27.45 -3.67
C PHE B 100 -6.22 -26.92 -4.97
N ALA B 101 -5.70 -27.28 -6.15
CA ALA B 101 -6.24 -26.85 -7.46
C ALA B 101 -7.21 -27.89 -8.02
N GLY B 102 -7.35 -29.04 -7.34
CA GLY B 102 -8.35 -30.10 -7.61
C GLY B 102 -8.32 -30.53 -9.07
N ASP B 103 -9.48 -30.69 -9.69
CA ASP B 103 -9.64 -31.03 -11.13
C ASP B 103 -9.89 -29.74 -11.93
N GLY B 104 -9.26 -28.63 -11.53
CA GLY B 104 -9.06 -27.45 -12.41
C GLY B 104 -8.41 -27.88 -13.74
N LEU B 105 -8.51 -27.04 -14.77
CA LEU B 105 -8.02 -27.35 -16.13
C LEU B 105 -6.53 -27.75 -16.12
N PHE B 106 -5.76 -27.16 -15.20
CA PHE B 106 -4.27 -27.28 -15.15
C PHE B 106 -3.85 -28.61 -14.50
N THR B 107 -4.59 -29.07 -13.50
CA THR B 107 -4.17 -30.25 -12.69
C THR B 107 -5.10 -31.43 -12.94
N SER B 108 -5.80 -31.44 -14.08
CA SER B 108 -6.73 -32.54 -14.46
C SER B 108 -6.15 -33.36 -15.62
N TRP B 109 -6.51 -34.65 -15.64
CA TRP B 109 -6.12 -35.59 -16.72
C TRP B 109 -7.02 -35.29 -17.90
N THR B 110 -6.55 -35.53 -19.13
CA THR B 110 -7.29 -35.21 -20.37
C THR B 110 -8.62 -35.99 -20.41
N HIS B 111 -8.67 -37.14 -19.73
CA HIS B 111 -9.77 -38.13 -19.83
C HIS B 111 -10.79 -37.88 -18.72
N GLU B 112 -10.49 -37.00 -17.78
CA GLU B 112 -11.47 -36.63 -16.73
C GLU B 112 -12.56 -35.77 -17.39
N LYS B 113 -13.82 -36.07 -17.10
CA LYS B 113 -15.00 -35.42 -17.75
C LYS B 113 -14.88 -33.90 -17.58
N ASN B 114 -14.42 -33.46 -16.40
CA ASN B 114 -14.40 -32.02 -16.02
C ASN B 114 -13.36 -31.26 -16.86
N TRP B 115 -12.37 -31.95 -17.45
CA TRP B 115 -11.33 -31.28 -18.26
C TRP B 115 -12.00 -30.68 -19.51
N LYS B 116 -12.60 -31.53 -20.37
CA LYS B 116 -13.14 -31.13 -21.69
C LYS B 116 -14.34 -30.20 -21.46
N LYS B 117 -15.04 -30.44 -20.35
CA LYS B 117 -16.27 -29.70 -19.98
C LYS B 117 -15.89 -28.24 -19.67
N ALA B 118 -14.94 -28.07 -18.75
CA ALA B 118 -14.39 -26.75 -18.36
C ALA B 118 -13.72 -26.09 -19.56
N HIS B 119 -12.96 -26.87 -20.33
CA HIS B 119 -12.22 -26.40 -21.52
C HIS B 119 -13.22 -25.82 -22.55
N ASN B 120 -14.28 -26.56 -22.86
CA ASN B 120 -15.33 -26.11 -23.81
C ASN B 120 -15.99 -24.83 -23.26
N ILE B 121 -16.35 -24.81 -21.98
CA ILE B 121 -17.09 -23.65 -21.40
C ILE B 121 -16.18 -22.42 -21.36
N LEU B 122 -14.87 -22.57 -21.10
CA LEU B 122 -13.95 -21.42 -20.83
C LEU B 122 -13.19 -20.92 -22.07
N LEU B 123 -12.98 -21.74 -23.11
CA LEU B 123 -12.23 -21.34 -24.33
C LEU B 123 -12.63 -19.94 -24.80
N PRO B 124 -13.93 -19.66 -25.03
CA PRO B 124 -14.38 -18.36 -25.53
C PRO B 124 -14.13 -17.17 -24.58
N SER B 125 -14.05 -17.40 -23.27
CA SER B 125 -13.72 -16.36 -22.26
C SER B 125 -12.22 -16.07 -22.27
N PHE B 126 -11.42 -16.82 -23.06
CA PHE B 126 -9.95 -16.64 -23.13
C PHE B 126 -9.48 -16.34 -24.54
N SER B 127 -10.41 -16.05 -25.46
CA SER B 127 -10.11 -15.83 -26.90
C SER B 127 -9.51 -14.43 -27.06
N GLN B 128 -8.84 -14.15 -28.18
CA GLN B 128 -8.42 -12.79 -28.60
C GLN B 128 -9.62 -11.83 -28.47
N GLN B 129 -10.80 -12.19 -29.01
N GLN B 129 -10.78 -12.22 -29.03
CA GLN B 129 -12.03 -11.33 -29.02
CA GLN B 129 -12.05 -11.45 -29.04
C GLN B 129 -12.50 -11.02 -27.59
C GLN B 129 -12.43 -11.02 -27.61
N ALA B 130 -12.23 -11.90 -26.62
CA ALA B 130 -12.65 -11.70 -25.20
C ALA B 130 -11.71 -10.71 -24.50
N MET B 131 -10.47 -10.55 -24.99
CA MET B 131 -9.51 -9.57 -24.41
C MET B 131 -10.07 -8.14 -24.51
N LYS B 132 -10.92 -7.83 -25.50
CA LYS B 132 -11.58 -6.49 -25.63
C LYS B 132 -12.37 -6.13 -24.35
N GLY B 133 -13.03 -7.11 -23.73
CA GLY B 133 -13.81 -6.92 -22.48
C GLY B 133 -12.94 -6.75 -21.23
N TYR B 134 -11.79 -7.41 -21.16
CA TYR B 134 -10.90 -7.40 -19.96
C TYR B 134 -10.00 -6.17 -19.99
N HIS B 135 -9.91 -5.52 -21.14
CA HIS B 135 -8.90 -4.48 -21.44
C HIS B 135 -9.00 -3.36 -20.40
N ALA B 136 -10.22 -2.94 -20.08
CA ALA B 136 -10.49 -1.73 -19.27
C ALA B 136 -9.98 -1.98 -17.85
N MET B 137 -10.29 -3.15 -17.31
N MET B 137 -10.25 -3.15 -17.29
CA MET B 137 -9.87 -3.61 -15.96
CA MET B 137 -9.81 -3.44 -15.90
C MET B 137 -8.33 -3.75 -15.94
C MET B 137 -8.31 -3.80 -15.90
N MET B 138 -7.73 -4.21 -17.03
CA MET B 138 -6.25 -4.34 -17.16
C MET B 138 -5.63 -2.94 -17.11
N VAL B 139 -6.24 -1.96 -17.76
CA VAL B 139 -5.73 -0.57 -17.75
C VAL B 139 -5.86 -0.01 -16.34
N ASP B 140 -6.96 -0.29 -15.63
CA ASP B 140 -7.13 0.14 -14.21
C ASP B 140 -5.84 -0.23 -13.42
N ILE B 141 -5.38 -1.48 -13.46
CA ILE B 141 -4.23 -1.94 -12.63
C ILE B 141 -2.94 -1.30 -13.18
N ALA B 142 -2.79 -1.24 -14.50
CA ALA B 142 -1.56 -0.77 -15.18
C ALA B 142 -1.32 0.68 -14.80
N VAL B 143 -2.37 1.49 -14.81
CA VAL B 143 -2.33 2.91 -14.36
C VAL B 143 -1.89 2.97 -12.89
N GLN B 144 -2.37 2.08 -12.01
CA GLN B 144 -1.91 2.08 -10.59
C GLN B 144 -0.41 1.80 -10.52
N LEU B 145 0.14 0.94 -11.39
CA LEU B 145 1.61 0.68 -11.42
C LEU B 145 2.37 1.93 -11.85
N VAL B 146 2.02 2.52 -13.00
CA VAL B 146 2.64 3.77 -13.48
C VAL B 146 2.54 4.87 -12.41
N GLN B 147 1.38 4.99 -11.75
CA GLN B 147 1.18 6.03 -10.70
C GLN B 147 2.10 5.76 -9.49
N LYS B 148 2.19 4.51 -9.01
CA LYS B 148 3.14 4.18 -7.92
C LYS B 148 4.54 4.68 -8.29
N TRP B 149 5.04 4.27 -9.45
CA TRP B 149 6.39 4.66 -9.95
C TRP B 149 6.51 6.18 -10.15
N GLU B 150 5.51 6.86 -10.74
CA GLU B 150 5.55 8.34 -10.92
C GLU B 150 5.72 9.04 -9.56
N ARG B 151 5.29 8.41 -8.46
CA ARG B 151 5.20 9.01 -7.11
C ARG B 151 6.42 8.64 -6.26
N LEU B 152 7.38 7.90 -6.82
CA LEU B 152 8.62 7.59 -6.11
C LEU B 152 9.46 8.86 -5.94
N ASN B 153 10.18 8.96 -4.83
CA ASN B 153 11.15 10.06 -4.58
C ASN B 153 12.40 9.78 -5.42
N ALA B 154 13.10 10.82 -5.87
CA ALA B 154 14.30 10.73 -6.75
C ALA B 154 15.22 9.59 -6.31
N ASP B 155 15.52 9.47 -5.02
CA ASP B 155 16.51 8.47 -4.52
C ASP B 155 16.02 7.04 -4.86
N GLU B 156 14.71 6.79 -4.72
CA GLU B 156 14.12 5.45 -4.51
C GLU B 156 14.32 4.54 -5.74
N HIS B 157 14.53 3.26 -5.48
CA HIS B 157 14.57 2.21 -6.53
C HIS B 157 13.27 1.38 -6.53
N ILE B 158 13.10 0.59 -7.59
CA ILE B 158 11.92 -0.26 -7.82
C ILE B 158 12.37 -1.70 -7.68
N GLU B 159 11.57 -2.49 -6.97
CA GLU B 159 11.71 -3.96 -6.80
C GLU B 159 10.84 -4.60 -7.89
N VAL B 160 11.46 -4.98 -9.01
CA VAL B 160 10.72 -5.27 -10.27
C VAL B 160 9.76 -6.42 -10.03
N PRO B 161 10.23 -7.64 -9.64
CA PRO B 161 9.37 -8.81 -9.51
C PRO B 161 8.16 -8.57 -8.59
N GLU B 162 8.43 -7.90 -7.47
CA GLU B 162 7.43 -7.53 -6.44
C GLU B 162 6.34 -6.67 -7.07
N ASP B 163 6.70 -5.58 -7.75
CA ASP B 163 5.69 -4.67 -8.35
C ASP B 163 4.92 -5.37 -9.49
N MET B 164 5.60 -6.12 -10.35
CA MET B 164 4.96 -6.88 -11.46
C MET B 164 3.98 -7.91 -10.86
N THR B 165 4.38 -8.57 -9.77
CA THR B 165 3.52 -9.56 -9.06
C THR B 165 2.26 -8.87 -8.52
N ARG B 166 2.39 -7.66 -7.98
CA ARG B 166 1.22 -6.87 -7.55
C ARG B 166 0.32 -6.61 -8.75
N LEU B 167 0.91 -6.32 -9.91
CA LEU B 167 0.09 -5.99 -11.10
C LEU B 167 -0.63 -7.25 -11.60
N THR B 168 0.09 -8.37 -11.75
CA THR B 168 -0.46 -9.57 -12.43
C THR B 168 -1.58 -10.14 -11.58
N LEU B 169 -1.37 -10.19 -10.26
CA LEU B 169 -2.37 -10.79 -9.34
C LEU B 169 -3.61 -9.91 -9.34
N ASP B 170 -3.45 -8.59 -9.28
CA ASP B 170 -4.63 -7.67 -9.23
C ASP B 170 -5.38 -7.79 -10.54
N THR B 171 -4.65 -7.93 -11.64
CA THR B 171 -5.28 -7.98 -12.98
C THR B 171 -6.20 -9.21 -13.02
N ILE B 172 -5.73 -10.37 -12.56
CA ILE B 172 -6.53 -11.63 -12.69
C ILE B 172 -7.69 -11.57 -11.70
N GLY B 173 -7.47 -10.99 -10.53
CA GLY B 173 -8.51 -10.83 -9.49
C GLY B 173 -9.68 -10.03 -10.02
N LEU B 174 -9.37 -8.89 -10.63
CA LEU B 174 -10.37 -7.93 -11.15
C LEU B 174 -11.05 -8.57 -12.36
N CYS B 175 -10.25 -9.02 -13.33
CA CYS B 175 -10.74 -9.57 -14.63
C CYS B 175 -11.43 -10.92 -14.39
N GLY B 176 -10.98 -11.65 -13.38
CA GLY B 176 -11.49 -13.00 -13.10
C GLY B 176 -12.83 -12.96 -12.41
N PHE B 177 -12.94 -12.27 -11.27
CA PHE B 177 -14.19 -12.27 -10.46
C PHE B 177 -14.44 -10.89 -9.82
N ASN B 178 -13.91 -9.81 -10.39
CA ASN B 178 -14.22 -8.44 -9.92
C ASN B 178 -13.81 -8.32 -8.44
N TYR B 179 -12.74 -8.97 -8.03
CA TYR B 179 -12.19 -8.87 -6.66
C TYR B 179 -10.91 -8.02 -6.69
N ARG B 180 -10.88 -6.99 -5.86
CA ARG B 180 -9.71 -6.07 -5.74
C ARG B 180 -8.83 -6.55 -4.60
N PHE B 181 -7.70 -7.18 -4.92
CA PHE B 181 -6.67 -7.56 -3.93
C PHE B 181 -6.01 -6.28 -3.40
N ASN B 182 -6.03 -5.19 -4.18
CA ASN B 182 -5.51 -3.87 -3.77
C ASN B 182 -4.03 -3.99 -3.40
N SER B 183 -3.25 -4.70 -4.22
CA SER B 183 -1.85 -5.05 -3.88
C SER B 183 -0.98 -3.77 -3.84
N PHE B 184 -1.36 -2.71 -4.56
CA PHE B 184 -0.56 -1.47 -4.52
C PHE B 184 -0.87 -0.69 -3.24
N TYR B 185 -1.79 -1.16 -2.39
CA TYR B 185 -2.13 -0.51 -1.11
C TYR B 185 -1.45 -1.21 0.06
N ARG B 186 -0.79 -2.35 -0.16
CA ARG B 186 -0.25 -3.21 0.93
C ARG B 186 1.25 -3.42 0.78
N ASP B 187 1.92 -3.63 1.92
CA ASP B 187 3.30 -4.14 2.05
C ASP B 187 3.21 -5.68 2.08
N GLN B 188 2.56 -6.24 3.11
N GLN B 188 2.55 -6.23 3.11
CA GLN B 188 2.33 -7.70 3.25
CA GLN B 188 2.32 -7.70 3.27
C GLN B 188 1.09 -8.10 2.46
C GLN B 188 1.09 -8.10 2.46
N PRO B 189 1.08 -9.29 1.81
CA PRO B 189 0.01 -9.64 0.87
C PRO B 189 -1.33 -9.98 1.53
N HIS B 190 -2.40 -9.97 0.73
CA HIS B 190 -3.75 -10.41 1.10
C HIS B 190 -3.64 -11.78 1.78
N PRO B 191 -4.42 -12.06 2.85
CA PRO B 191 -4.41 -13.37 3.52
C PRO B 191 -4.53 -14.58 2.57
N PHE B 192 -5.36 -14.49 1.53
CA PHE B 192 -5.52 -15.56 0.51
C PHE B 192 -4.15 -15.85 -0.13
N ILE B 193 -3.39 -14.81 -0.47
CA ILE B 193 -2.07 -14.91 -1.20
C ILE B 193 -1.02 -15.54 -0.27
N THR B 194 -1.04 -15.15 1.01
CA THR B 194 -0.16 -15.75 2.05
C THR B 194 -0.34 -17.27 2.04
N SER B 195 -1.58 -17.75 2.13
CA SER B 195 -1.89 -19.20 2.16
C SER B 195 -1.55 -19.87 0.83
N MET B 196 -1.83 -19.19 -0.31
CA MET B 196 -1.62 -19.75 -1.67
C MET B 196 -0.12 -19.94 -1.91
N VAL B 197 0.69 -18.91 -1.62
CA VAL B 197 2.18 -18.97 -1.74
C VAL B 197 2.68 -20.08 -0.80
N ARG B 198 2.17 -20.14 0.43
CA ARG B 198 2.63 -21.13 1.42
C ARG B 198 2.24 -22.55 0.97
N ALA B 199 1.04 -22.72 0.42
CA ALA B 199 0.59 -24.01 -0.17
C ALA B 199 1.49 -24.39 -1.35
N LEU B 200 1.80 -23.45 -2.26
CA LEU B 200 2.64 -23.70 -3.46
C LEU B 200 4.07 -24.05 -3.04
N ASP B 201 4.61 -23.36 -2.04
CA ASP B 201 5.97 -23.62 -1.49
C ASP B 201 5.96 -25.04 -0.89
N GLU B 202 4.97 -25.35 -0.05
CA GLU B 202 4.82 -26.69 0.59
C GLU B 202 4.77 -27.74 -0.51
N ALA B 203 4.01 -27.51 -1.57
CA ALA B 203 3.87 -28.49 -2.68
C ALA B 203 5.24 -28.72 -3.31
N MET B 204 6.01 -27.66 -3.61
CA MET B 204 7.33 -27.79 -4.28
C MET B 204 8.37 -28.41 -3.32
N ASN B 205 8.27 -28.17 -2.01
CA ASN B 205 9.20 -28.72 -0.99
C ASN B 205 9.07 -30.25 -0.96
N LYS B 206 7.86 -30.77 -1.10
CA LYS B 206 7.55 -32.22 -0.98
C LYS B 206 8.20 -32.99 -2.13
N LEU B 207 8.71 -32.28 -3.13
CA LEU B 207 9.37 -32.89 -4.32
C LEU B 207 10.74 -33.43 -3.93
N GLN B 208 11.45 -32.72 -3.06
CA GLN B 208 12.86 -33.03 -2.67
C GLN B 208 12.86 -33.34 -1.17
N ARG B 209 11.82 -34.03 -0.72
CA ARG B 209 11.60 -34.42 0.70
C ARG B 209 11.68 -35.95 0.80
N ALA B 210 12.75 -36.45 1.43
CA ALA B 210 12.88 -37.86 1.87
C ALA B 210 12.29 -38.00 3.26
N ASN B 211 11.53 -39.08 3.51
CA ASN B 211 10.84 -39.37 4.80
C ASN B 211 9.73 -38.34 5.01
N PRO B 212 8.68 -38.32 4.16
CA PRO B 212 7.61 -37.32 4.26
C PRO B 212 6.74 -37.49 5.52
N ASP B 213 6.57 -38.75 5.95
CA ASP B 213 5.73 -39.14 7.11
C ASP B 213 6.48 -38.95 8.43
N ASP B 214 7.78 -38.62 8.38
CA ASP B 214 8.61 -38.23 9.55
C ASP B 214 7.81 -37.24 10.40
N PRO B 215 7.68 -37.47 11.72
CA PRO B 215 6.98 -36.54 12.62
C PRO B 215 7.35 -35.05 12.52
N ALA B 216 8.57 -34.73 12.05
CA ALA B 216 9.06 -33.34 11.91
C ALA B 216 8.15 -32.56 10.95
N TYR B 217 7.74 -33.17 9.83
CA TYR B 217 6.92 -32.54 8.78
C TYR B 217 5.42 -32.59 9.13
N ASP B 218 5.07 -32.75 10.41
CA ASP B 218 3.66 -32.86 10.87
C ASP B 218 3.07 -31.45 11.02
N GLU B 219 3.91 -30.44 11.27
CA GLU B 219 3.51 -29.01 11.27
C GLU B 219 3.15 -28.61 9.84
N ASN B 220 4.02 -28.92 8.88
CA ASN B 220 3.82 -28.69 7.43
C ASN B 220 2.45 -29.22 7.05
N LYS B 221 2.20 -30.51 7.33
CA LYS B 221 0.91 -31.22 7.09
C LYS B 221 -0.26 -30.35 7.56
N ARG B 222 -0.20 -29.89 8.81
CA ARG B 222 -1.32 -29.19 9.49
C ARG B 222 -1.51 -27.81 8.88
N GLN B 223 -0.40 -27.14 8.59
CA GLN B 223 -0.33 -25.78 7.99
C GLN B 223 -0.89 -25.85 6.56
N PHE B 224 -0.53 -26.92 5.84
CA PHE B 224 -1.01 -27.22 4.47
C PHE B 224 -2.55 -27.29 4.47
N GLN B 225 -3.17 -28.02 5.41
CA GLN B 225 -4.65 -28.19 5.48
C GLN B 225 -5.31 -26.85 5.82
N GLU B 226 -4.65 -26.04 6.65
CA GLU B 226 -5.17 -24.72 7.09
C GLU B 226 -5.14 -23.74 5.91
N ASP B 227 -4.08 -23.81 5.09
CA ASP B 227 -3.89 -22.94 3.91
C ASP B 227 -4.94 -23.30 2.84
N ILE B 228 -5.19 -24.60 2.66
CA ILE B 228 -6.25 -25.15 1.77
C ILE B 228 -7.64 -24.65 2.20
N LYS B 229 -7.85 -24.55 3.52
N LYS B 229 -7.88 -24.55 3.51
CA LYS B 229 -9.12 -24.09 4.15
CA LYS B 229 -9.19 -24.08 4.05
C LYS B 229 -9.32 -22.61 3.82
C LYS B 229 -9.33 -22.57 3.79
N VAL B 230 -8.29 -21.78 4.04
CA VAL B 230 -8.32 -20.31 3.77
C VAL B 230 -8.75 -20.09 2.32
N MET B 231 -8.12 -20.82 1.39
CA MET B 231 -8.31 -20.63 -0.07
C MET B 231 -9.73 -21.07 -0.43
N ASN B 232 -10.13 -22.27 -0.04
CA ASN B 232 -11.50 -22.82 -0.29
C ASN B 232 -12.54 -21.85 0.28
N ASP B 233 -12.32 -21.36 1.50
CA ASP B 233 -13.29 -20.51 2.24
C ASP B 233 -13.55 -19.19 1.48
N LEU B 234 -12.50 -18.48 1.09
N LEU B 234 -12.51 -18.41 1.14
CA LEU B 234 -12.60 -17.13 0.50
CA LEU B 234 -12.70 -17.08 0.47
C LEU B 234 -13.18 -17.19 -0.92
C LEU B 234 -13.38 -17.29 -0.89
N VAL B 235 -12.88 -18.25 -1.67
CA VAL B 235 -13.33 -18.44 -3.07
C VAL B 235 -14.79 -18.94 -3.07
N ASP B 236 -15.18 -19.82 -2.14
CA ASP B 236 -16.59 -20.30 -2.06
C ASP B 236 -17.51 -19.15 -1.63
N LYS B 237 -17.02 -18.32 -0.71
CA LYS B 237 -17.74 -17.11 -0.23
C LYS B 237 -17.91 -16.14 -1.40
N ILE B 238 -16.84 -15.90 -2.16
N ILE B 238 -16.85 -15.94 -2.17
CA ILE B 238 -16.89 -15.09 -3.40
CA ILE B 238 -16.83 -15.12 -3.42
C ILE B 238 -17.96 -15.70 -4.31
C ILE B 238 -17.85 -15.70 -4.41
N ILE B 239 -17.95 -17.03 -4.51
CA ILE B 239 -18.89 -17.71 -5.47
C ILE B 239 -20.35 -17.61 -4.95
N ALA B 240 -20.60 -18.05 -3.74
CA ALA B 240 -21.93 -17.97 -3.09
C ALA B 240 -22.43 -16.51 -3.12
N ASP B 241 -21.57 -15.53 -2.81
CA ASP B 241 -21.97 -14.10 -2.78
C ASP B 241 -22.46 -13.68 -4.16
N ARG B 242 -21.83 -14.17 -5.23
CA ARG B 242 -22.15 -13.72 -6.61
C ARG B 242 -23.47 -14.34 -7.05
N LYS B 243 -23.70 -15.59 -6.67
CA LYS B 243 -24.97 -16.32 -6.94
C LYS B 243 -26.12 -15.68 -6.17
N ALA B 244 -25.90 -15.44 -4.88
CA ALA B 244 -26.80 -14.65 -3.99
C ALA B 244 -27.26 -13.39 -4.74
N SER B 245 -26.32 -12.52 -5.16
CA SER B 245 -26.61 -11.16 -5.71
C SER B 245 -27.31 -11.24 -7.06
N GLY B 246 -27.07 -12.29 -7.84
CA GLY B 246 -27.46 -12.37 -9.27
C GLY B 246 -26.78 -11.30 -10.12
N GLU B 247 -25.76 -10.62 -9.59
CA GLU B 247 -24.95 -9.60 -10.32
C GLU B 247 -24.32 -10.27 -11.55
N GLN B 248 -24.31 -9.58 -12.69
CA GLN B 248 -23.86 -10.11 -14.00
C GLN B 248 -22.66 -9.28 -14.48
N SER B 249 -21.58 -9.35 -13.71
CA SER B 249 -20.37 -8.49 -13.79
C SER B 249 -19.60 -8.70 -15.11
N ASP B 250 -19.99 -9.68 -15.93
CA ASP B 250 -19.27 -10.04 -17.17
C ASP B 250 -17.76 -10.14 -16.87
N ASP B 251 -17.40 -11.21 -16.15
CA ASP B 251 -16.02 -11.61 -15.79
C ASP B 251 -15.96 -13.14 -15.95
N LEU B 252 -14.84 -13.77 -15.68
CA LEU B 252 -14.73 -15.25 -15.85
C LEU B 252 -15.78 -15.95 -14.97
N LEU B 253 -15.95 -15.49 -13.73
CA LEU B 253 -16.90 -16.08 -12.76
C LEU B 253 -18.33 -16.05 -13.34
N THR B 254 -18.74 -14.94 -13.95
CA THR B 254 -20.07 -14.81 -14.64
C THR B 254 -20.23 -15.95 -15.67
N HIS B 255 -19.38 -15.98 -16.71
CA HIS B 255 -19.34 -16.99 -17.81
C HIS B 255 -19.37 -18.42 -17.23
N MET B 256 -18.71 -18.65 -16.09
CA MET B 256 -18.63 -19.99 -15.45
C MET B 256 -19.97 -20.33 -14.80
N LEU B 257 -20.68 -19.35 -14.26
CA LEU B 257 -22.00 -19.57 -13.60
C LEU B 257 -23.11 -19.69 -14.65
N ASN B 258 -22.95 -19.09 -15.83
CA ASN B 258 -24.01 -19.01 -16.88
C ASN B 258 -23.68 -19.93 -18.06
N GLY B 259 -22.53 -20.63 -18.01
CA GLY B 259 -21.98 -21.38 -19.16
C GLY B 259 -22.54 -22.78 -19.18
N LYS B 260 -22.59 -23.38 -20.36
N LYS B 260 -22.59 -23.38 -20.36
CA LYS B 260 -23.03 -24.77 -20.59
CA LYS B 260 -23.02 -24.78 -20.58
C LYS B 260 -22.12 -25.37 -21.65
C LYS B 260 -22.11 -25.37 -21.65
N ASP B 261 -21.49 -26.50 -21.34
CA ASP B 261 -20.69 -27.31 -22.31
C ASP B 261 -21.62 -27.68 -23.47
N PRO B 262 -21.33 -27.25 -24.72
CA PRO B 262 -22.09 -27.68 -25.90
C PRO B 262 -22.26 -29.20 -25.92
N GLU B 263 -21.20 -29.91 -25.57
CA GLU B 263 -21.11 -31.39 -25.63
C GLU B 263 -22.12 -32.01 -24.65
N THR B 264 -21.93 -31.89 -23.32
CA THR B 264 -22.75 -32.58 -22.29
C THR B 264 -24.04 -31.77 -21.99
N GLY B 265 -24.13 -30.53 -22.45
CA GLY B 265 -25.20 -29.58 -22.09
C GLY B 265 -25.16 -29.20 -20.62
N GLU B 266 -24.11 -29.61 -19.88
CA GLU B 266 -24.02 -29.44 -18.41
C GLU B 266 -23.20 -28.19 -18.06
N PRO B 267 -23.58 -27.49 -16.97
CA PRO B 267 -22.75 -26.42 -16.41
C PRO B 267 -21.66 -27.01 -15.49
N LEU B 268 -20.62 -26.24 -15.21
CA LEU B 268 -19.64 -26.54 -14.15
C LEU B 268 -20.34 -26.46 -12.80
N ASP B 269 -20.01 -27.36 -11.88
N ASP B 269 -19.99 -27.36 -11.87
CA ASP B 269 -20.52 -27.34 -10.48
CA ASP B 269 -20.48 -27.34 -10.48
C ASP B 269 -19.75 -26.25 -9.71
C ASP B 269 -19.73 -26.25 -9.69
N ASP B 270 -20.21 -25.90 -8.50
CA ASP B 270 -19.59 -24.84 -7.66
C ASP B 270 -18.16 -25.25 -7.27
N GLU B 271 -17.92 -26.52 -6.98
CA GLU B 271 -16.59 -27.02 -6.53
C GLU B 271 -15.62 -26.82 -7.69
N ASN B 272 -15.92 -27.32 -8.87
CA ASN B 272 -15.04 -27.13 -10.05
C ASN B 272 -14.77 -25.63 -10.28
N ILE B 273 -15.78 -24.75 -10.19
CA ILE B 273 -15.61 -23.28 -10.42
C ILE B 273 -14.52 -22.77 -9.45
N ARG B 274 -14.62 -23.18 -8.19
CA ARG B 274 -13.62 -22.77 -7.19
C ARG B 274 -12.23 -23.25 -7.63
N TYR B 275 -12.10 -24.47 -8.17
CA TYR B 275 -10.77 -25.04 -8.57
C TYR B 275 -10.16 -24.20 -9.69
N GLN B 276 -11.02 -23.74 -10.59
CA GLN B 276 -10.62 -22.90 -11.75
C GLN B 276 -10.08 -21.56 -11.24
N ILE B 277 -10.80 -20.92 -10.32
CA ILE B 277 -10.43 -19.57 -9.78
C ILE B 277 -9.08 -19.69 -9.05
N ILE B 278 -8.91 -20.71 -8.23
CA ILE B 278 -7.63 -20.98 -7.55
C ILE B 278 -6.55 -21.16 -8.63
N THR B 279 -6.81 -21.95 -9.65
CA THR B 279 -5.89 -22.18 -10.79
C THR B 279 -5.57 -20.83 -11.46
N PHE B 280 -6.57 -20.02 -11.75
CA PHE B 280 -6.33 -18.72 -12.44
C PHE B 280 -5.45 -17.83 -11.55
N LEU B 281 -5.68 -17.82 -10.22
CA LEU B 281 -4.93 -16.97 -9.26
C LEU B 281 -3.48 -17.43 -9.13
N ILE B 282 -3.24 -18.74 -9.14
CA ILE B 282 -1.88 -19.33 -9.16
C ILE B 282 -1.17 -18.80 -10.41
N ALA B 283 -1.83 -18.94 -11.56
N ALA B 283 -1.82 -18.95 -11.55
CA ALA B 283 -1.24 -18.64 -12.89
CA ALA B 283 -1.24 -18.65 -12.89
C ALA B 283 -1.02 -17.13 -13.00
C ALA B 283 -0.98 -17.14 -13.00
N GLY B 284 -1.93 -16.34 -12.42
N GLY B 284 -1.87 -16.33 -12.40
CA GLY B 284 -1.90 -14.86 -12.54
CA GLY B 284 -1.81 -14.86 -12.50
C GLY B 284 -0.82 -14.23 -11.69
C GLY B 284 -0.79 -14.24 -11.55
N HIS B 285 -0.30 -14.98 -10.72
N HIS B 285 -0.15 -15.04 -10.71
CA HIS B 285 0.74 -14.58 -9.75
CA HIS B 285 0.87 -14.61 -9.72
C HIS B 285 2.12 -14.76 -10.38
C HIS B 285 2.24 -14.57 -10.42
N GLU B 286 3.01 -15.47 -9.67
N GLU B 286 3.30 -15.07 -9.77
CA GLU B 286 4.03 -16.38 -10.24
CA GLU B 286 4.71 -14.93 -10.25
C GLU B 286 4.39 -15.99 -11.67
C GLU B 286 4.92 -15.65 -11.59
N THR B 287 3.93 -16.85 -12.59
N THR B 287 3.99 -16.50 -12.03
CA THR B 287 4.51 -17.14 -13.93
CA THR B 287 4.09 -17.21 -13.34
C THR B 287 4.26 -15.94 -14.85
C THR B 287 3.93 -16.19 -14.46
N THR B 288 3.17 -15.22 -14.64
N THR B 288 3.06 -15.21 -14.32
CA THR B 288 2.81 -14.06 -15.46
CA THR B 288 2.86 -14.17 -15.36
C THR B 288 3.75 -12.90 -15.14
C THR B 288 3.82 -13.01 -15.11
N SER B 289 3.97 -12.58 -13.86
CA SER B 289 4.79 -11.40 -13.47
C SER B 289 6.25 -11.65 -13.85
N GLY B 290 6.65 -12.92 -13.87
CA GLY B 290 8.00 -13.33 -14.29
C GLY B 290 8.29 -12.98 -15.73
N LEU B 291 7.35 -13.16 -16.66
CA LEU B 291 7.51 -12.71 -18.07
C LEU B 291 7.93 -11.23 -18.05
N LEU B 292 7.22 -10.40 -17.29
CA LEU B 292 7.48 -8.93 -17.28
C LEU B 292 8.85 -8.68 -16.69
N SER B 293 9.13 -9.34 -15.57
CA SER B 293 10.39 -9.20 -14.81
C SER B 293 11.58 -9.55 -15.71
N PHE B 294 11.49 -10.65 -16.46
CA PHE B 294 12.58 -11.09 -17.38
C PHE B 294 12.69 -10.14 -18.58
N ALA B 295 11.55 -9.71 -19.15
CA ALA B 295 11.52 -8.75 -20.28
C ALA B 295 12.28 -7.49 -19.87
N LEU B 296 11.96 -6.92 -18.70
CA LEU B 296 12.60 -5.66 -18.25
C LEU B 296 14.09 -5.89 -17.96
N TYR B 297 14.47 -6.97 -17.27
CA TYR B 297 15.93 -7.33 -17.10
C TYR B 297 16.64 -7.33 -18.46
N PHE B 298 16.09 -8.02 -19.46
CA PHE B 298 16.74 -8.13 -20.80
C PHE B 298 16.84 -6.77 -21.48
N LEU B 299 15.85 -5.89 -21.29
CA LEU B 299 15.85 -4.55 -21.93
C LEU B 299 16.92 -3.64 -21.32
N VAL B 300 17.09 -3.65 -20.00
CA VAL B 300 18.11 -2.78 -19.34
C VAL B 300 19.51 -3.33 -19.67
N LYS B 301 19.66 -4.65 -19.93
CA LYS B 301 20.99 -5.25 -20.26
C LYS B 301 21.29 -5.06 -21.75
N ASN B 302 20.29 -4.70 -22.55
CA ASN B 302 20.41 -4.51 -24.01
C ASN B 302 19.84 -3.15 -24.39
N PRO B 303 20.56 -2.05 -24.08
CA PRO B 303 20.13 -0.69 -24.40
C PRO B 303 19.56 -0.46 -25.80
N HIS B 304 20.13 -1.10 -26.84
CA HIS B 304 19.71 -0.93 -28.25
C HIS B 304 18.31 -1.48 -28.43
N VAL B 305 18.01 -2.59 -27.76
CA VAL B 305 16.68 -3.23 -27.86
C VAL B 305 15.66 -2.33 -27.16
N LEU B 306 16.01 -1.82 -25.97
CA LEU B 306 15.15 -0.91 -25.15
C LEU B 306 14.80 0.32 -25.97
N GLN B 307 15.80 0.96 -26.58
CA GLN B 307 15.57 2.17 -27.41
C GLN B 307 14.58 1.83 -28.53
N LYS B 308 14.72 0.69 -29.23
CA LYS B 308 13.76 0.28 -30.29
C LYS B 308 12.35 0.10 -29.71
N ALA B 309 12.22 -0.53 -28.53
CA ALA B 309 10.90 -0.83 -27.94
C ALA B 309 10.23 0.47 -27.44
N ALA B 310 11.03 1.37 -26.84
CA ALA B 310 10.61 2.70 -26.37
C ALA B 310 10.08 3.55 -27.52
N GLU B 311 10.79 3.56 -28.65
CA GLU B 311 10.36 4.30 -29.87
C GLU B 311 8.94 3.83 -30.21
N GLU B 312 8.71 2.52 -30.21
CA GLU B 312 7.39 1.97 -30.62
C GLU B 312 6.34 2.42 -29.61
N ALA B 313 6.67 2.28 -28.31
CA ALA B 313 5.75 2.65 -27.22
C ALA B 313 5.33 4.11 -27.41
N ALA B 314 6.28 5.03 -27.58
CA ALA B 314 6.05 6.49 -27.73
C ALA B 314 5.15 6.74 -28.95
N ARG B 315 5.44 6.09 -30.07
CA ARG B 315 4.78 6.38 -31.37
C ARG B 315 3.36 5.83 -31.37
N VAL B 316 3.09 4.70 -30.68
CA VAL B 316 1.79 3.96 -30.78
C VAL B 316 0.84 4.44 -29.68
N LEU B 317 1.34 4.65 -28.47
CA LEU B 317 0.50 4.91 -27.27
C LEU B 317 0.29 6.43 -27.16
N VAL B 318 -0.49 7.00 -28.08
CA VAL B 318 -0.63 8.47 -28.26
C VAL B 318 -1.65 9.04 -27.26
N ASP B 319 -2.52 8.20 -26.70
CA ASP B 319 -3.58 8.64 -25.75
C ASP B 319 -3.08 8.41 -24.33
N PRO B 320 -3.62 9.12 -23.31
CA PRO B 320 -3.24 8.90 -21.91
C PRO B 320 -3.55 7.51 -21.36
N VAL B 321 -4.60 6.87 -21.89
CA VAL B 321 -4.96 5.45 -21.58
C VAL B 321 -4.91 4.66 -22.87
N PRO B 322 -4.05 3.62 -22.96
CA PRO B 322 -4.01 2.78 -24.15
C PRO B 322 -5.37 2.15 -24.47
N SER B 323 -5.66 2.01 -25.75
CA SER B 323 -6.82 1.26 -26.30
C SER B 323 -6.37 -0.18 -26.63
N TYR B 324 -7.33 -1.10 -26.75
CA TYR B 324 -7.08 -2.48 -27.24
C TYR B 324 -6.32 -2.43 -28.58
N LYS B 325 -6.74 -1.58 -29.51
CA LYS B 325 -6.21 -1.57 -30.91
C LYS B 325 -4.75 -1.14 -30.84
N GLN B 326 -4.43 -0.17 -29.97
CA GLN B 326 -3.04 0.32 -29.78
C GLN B 326 -2.14 -0.82 -29.26
N VAL B 327 -2.59 -1.64 -28.31
CA VAL B 327 -1.75 -2.72 -27.72
C VAL B 327 -1.41 -3.71 -28.84
N LYS B 328 -2.39 -4.11 -29.65
CA LYS B 328 -2.20 -4.97 -30.85
C LYS B 328 -1.04 -4.44 -31.72
N GLN B 329 -0.94 -3.11 -31.84
N GLN B 329 -0.90 -3.12 -31.84
CA GLN B 329 0.05 -2.40 -32.70
CA GLN B 329 0.10 -2.50 -32.74
C GLN B 329 1.47 -2.53 -32.12
C GLN B 329 1.48 -2.42 -32.08
N LEU B 330 1.64 -2.88 -30.83
CA LEU B 330 2.98 -2.95 -30.18
C LEU B 330 3.71 -4.22 -30.62
N LYS B 331 4.08 -4.31 -31.89
CA LYS B 331 4.67 -5.51 -32.52
C LYS B 331 6.02 -5.79 -31.85
N TYR B 332 6.90 -4.79 -31.74
CA TYR B 332 8.26 -5.03 -31.20
C TYR B 332 8.18 -5.38 -29.71
N VAL B 333 7.33 -4.72 -28.95
CA VAL B 333 7.11 -5.04 -27.51
C VAL B 333 6.77 -6.54 -27.41
N GLY B 334 5.89 -7.03 -28.28
CA GLY B 334 5.49 -8.44 -28.39
C GLY B 334 6.66 -9.34 -28.76
N MET B 335 7.52 -8.90 -29.67
CA MET B 335 8.74 -9.68 -29.99
C MET B 335 9.65 -9.71 -28.76
N VAL B 336 9.74 -8.62 -28.00
CA VAL B 336 10.59 -8.53 -26.77
C VAL B 336 10.10 -9.60 -25.78
N LEU B 337 8.78 -9.67 -25.61
CA LEU B 337 8.10 -10.64 -24.73
C LEU B 337 8.37 -12.08 -25.23
N ASN B 338 8.22 -12.36 -26.51
CA ASN B 338 8.52 -13.71 -27.03
C ASN B 338 10.00 -14.04 -26.78
N GLU B 339 10.89 -13.08 -26.96
CA GLU B 339 12.32 -13.38 -26.80
C GLU B 339 12.61 -13.60 -25.31
N ALA B 340 11.86 -12.95 -24.39
CA ALA B 340 11.99 -13.21 -22.94
C ALA B 340 11.53 -14.64 -22.63
N LEU B 341 10.41 -15.05 -23.22
CA LEU B 341 9.82 -16.41 -23.07
C LEU B 341 10.74 -17.46 -23.70
N ARG B 342 11.53 -17.11 -24.72
CA ARG B 342 12.48 -18.09 -25.32
C ARG B 342 13.50 -18.46 -24.24
N LEU B 343 14.20 -17.47 -23.68
N LEU B 343 14.16 -17.46 -23.65
CA LEU B 343 15.37 -17.71 -22.79
CA LEU B 343 15.35 -17.67 -22.81
C LEU B 343 14.91 -18.24 -21.43
C LEU B 343 14.96 -18.17 -21.42
N TRP B 344 13.88 -17.64 -20.85
CA TRP B 344 13.45 -17.98 -19.47
C TRP B 344 11.93 -18.13 -19.38
N PRO B 345 11.37 -19.16 -20.05
CA PRO B 345 9.95 -19.47 -19.96
C PRO B 345 9.56 -19.79 -18.50
N THR B 346 8.55 -19.11 -17.97
CA THR B 346 8.30 -19.03 -16.50
C THR B 346 7.54 -20.26 -16.00
N ALA B 347 7.02 -21.14 -16.87
CA ALA B 347 6.55 -22.50 -16.51
C ALA B 347 7.40 -23.51 -17.27
N PRO B 348 8.67 -23.76 -16.86
CA PRO B 348 9.72 -24.20 -17.79
C PRO B 348 9.72 -25.68 -18.22
N ALA B 349 8.78 -26.49 -17.71
CA ALA B 349 8.64 -27.93 -18.05
C ALA B 349 7.17 -28.34 -18.08
N PHE B 350 6.85 -29.34 -18.90
CA PHE B 350 5.57 -30.07 -18.87
C PHE B 350 5.87 -31.54 -19.18
N SER B 351 4.97 -32.39 -18.67
CA SER B 351 5.12 -33.86 -18.68
C SER B 351 4.10 -34.47 -19.64
N LEU B 352 4.51 -35.55 -20.30
CA LEU B 352 3.70 -36.38 -21.21
C LEU B 352 3.89 -37.86 -20.84
N TYR B 353 2.93 -38.72 -21.21
CA TYR B 353 3.02 -40.21 -21.14
C TYR B 353 2.73 -40.74 -22.54
N ALA B 354 3.29 -41.91 -22.86
CA ALA B 354 3.00 -42.67 -24.10
C ALA B 354 1.60 -43.28 -24.00
N LYS B 355 0.73 -42.99 -24.98
CA LYS B 355 -0.65 -43.55 -25.05
C LYS B 355 -0.56 -45.05 -25.39
N GLU B 356 0.49 -45.48 -26.11
CA GLU B 356 0.74 -46.88 -26.51
C GLU B 356 2.26 -47.11 -26.58
N ASP B 357 2.69 -48.38 -26.54
CA ASP B 357 4.05 -48.77 -26.98
C ASP B 357 4.37 -47.92 -28.23
N THR B 358 5.56 -47.35 -28.31
CA THR B 358 6.04 -46.57 -29.48
C THR B 358 7.56 -46.44 -29.39
N VAL B 359 8.19 -45.98 -30.47
CA VAL B 359 9.65 -45.70 -30.50
C VAL B 359 9.84 -44.21 -30.81
N LEU B 360 10.75 -43.57 -30.08
CA LEU B 360 10.94 -42.10 -30.12
C LEU B 360 12.08 -41.75 -31.08
N GLY B 361 11.75 -41.10 -32.20
CA GLY B 361 12.76 -40.62 -33.16
C GLY B 361 13.65 -41.77 -33.58
N GLY B 362 13.01 -42.85 -34.02
CA GLY B 362 13.62 -44.05 -34.62
C GLY B 362 14.69 -44.70 -33.76
N GLU B 363 14.88 -44.26 -32.51
CA GLU B 363 16.04 -44.70 -31.67
C GLU B 363 15.57 -45.29 -30.35
N TYR B 364 14.75 -44.56 -29.59
CA TYR B 364 14.47 -44.87 -28.16
C TYR B 364 13.08 -45.46 -28.01
N PRO B 365 12.96 -46.78 -27.74
CA PRO B 365 11.67 -47.44 -27.63
C PRO B 365 10.95 -47.11 -26.32
N LEU B 366 9.62 -46.91 -26.38
CA LEU B 366 8.80 -46.51 -25.21
C LEU B 366 7.63 -47.51 -25.00
N GLU B 367 7.50 -47.96 -23.76
CA GLU B 367 6.38 -48.81 -23.28
C GLU B 367 5.17 -47.91 -22.98
N LYS B 368 3.97 -48.48 -23.08
CA LYS B 368 2.70 -47.81 -22.69
C LYS B 368 2.91 -47.14 -21.33
N GLY B 369 2.63 -45.83 -21.23
CA GLY B 369 2.64 -45.11 -19.94
C GLY B 369 3.97 -44.46 -19.55
N ASP B 370 5.05 -44.70 -20.29
CA ASP B 370 6.37 -44.09 -19.98
C ASP B 370 6.25 -42.56 -20.07
N GLU B 371 6.95 -41.88 -19.17
CA GLU B 371 6.89 -40.42 -18.94
C GLU B 371 8.03 -39.74 -19.70
N LEU B 372 7.68 -38.68 -20.43
CA LEU B 372 8.61 -37.70 -21.02
C LEU B 372 8.47 -36.39 -20.23
N MET B 373 9.57 -35.67 -20.05
CA MET B 373 9.61 -34.32 -19.44
C MET B 373 10.28 -33.39 -20.46
N VAL B 374 9.56 -32.37 -20.96
CA VAL B 374 10.06 -31.40 -21.97
C VAL B 374 10.75 -30.27 -21.20
N LEU B 375 12.06 -30.12 -21.37
CA LEU B 375 12.83 -28.97 -20.82
C LEU B 375 12.65 -27.77 -21.76
N ILE B 376 11.70 -26.88 -21.48
CA ILE B 376 11.36 -25.78 -22.44
C ILE B 376 12.59 -24.91 -22.70
N PRO B 377 13.39 -24.48 -21.68
CA PRO B 377 14.55 -23.63 -21.93
C PRO B 377 15.66 -24.30 -22.76
N GLN B 378 15.76 -25.64 -22.73
CA GLN B 378 16.79 -26.34 -23.55
C GLN B 378 16.30 -26.36 -25.01
N LEU B 379 15.03 -26.70 -25.24
CA LEU B 379 14.36 -26.66 -26.58
C LEU B 379 14.57 -25.29 -27.22
N HIS B 380 14.38 -24.24 -26.42
CA HIS B 380 14.51 -22.82 -26.86
C HIS B 380 15.99 -22.46 -27.04
N ARG B 381 16.91 -23.37 -26.68
CA ARG B 381 18.37 -23.20 -26.90
C ARG B 381 18.93 -24.21 -27.92
N ASP B 382 18.08 -24.91 -28.67
CA ASP B 382 18.49 -25.85 -29.76
C ASP B 382 19.16 -25.06 -30.90
N LYS B 383 20.49 -25.09 -30.92
CA LYS B 383 21.33 -24.38 -31.92
C LYS B 383 20.97 -24.79 -33.36
N THR B 384 20.26 -25.89 -33.59
CA THR B 384 19.93 -26.40 -34.95
C THR B 384 18.69 -25.68 -35.49
N ILE B 385 17.78 -25.26 -34.61
CA ILE B 385 16.54 -24.51 -34.97
C ILE B 385 16.87 -23.02 -34.97
N TRP B 386 17.61 -22.53 -33.98
CA TRP B 386 17.76 -21.08 -33.69
C TRP B 386 19.08 -20.52 -34.24
N GLY B 387 20.10 -21.35 -34.45
CA GLY B 387 21.45 -20.90 -34.87
C GLY B 387 22.39 -20.86 -33.68
N ASP B 388 23.55 -20.19 -33.81
CA ASP B 388 24.67 -20.27 -32.83
C ASP B 388 24.45 -19.33 -31.64
N ASP B 389 24.03 -18.09 -31.89
CA ASP B 389 23.87 -17.02 -30.86
C ASP B 389 22.66 -17.32 -29.94
N VAL B 390 22.58 -18.48 -29.28
CA VAL B 390 21.30 -18.87 -28.60
C VAL B 390 21.12 -18.05 -27.32
N GLU B 391 22.22 -17.57 -26.72
CA GLU B 391 22.21 -16.89 -25.40
C GLU B 391 22.05 -15.38 -25.58
N GLU B 392 21.95 -14.90 -26.82
CA GLU B 392 21.80 -13.44 -27.10
C GLU B 392 20.31 -13.10 -27.10
N PHE B 393 19.97 -11.98 -26.48
CA PHE B 393 18.61 -11.38 -26.51
C PHE B 393 18.42 -10.62 -27.82
N ARG B 394 17.66 -11.20 -28.74
CA ARG B 394 17.44 -10.65 -30.10
C ARG B 394 15.98 -10.86 -30.48
N PRO B 395 15.09 -9.91 -30.12
CA PRO B 395 13.68 -9.95 -30.52
C PRO B 395 13.44 -10.11 -32.04
N GLU B 396 14.42 -9.66 -32.82
CA GLU B 396 14.42 -9.71 -34.32
C GLU B 396 14.09 -11.14 -34.78
N ARG B 397 14.50 -12.19 -34.04
CA ARG B 397 14.18 -13.62 -34.35
C ARG B 397 12.70 -13.81 -34.68
N PHE B 398 11.84 -13.03 -34.02
CA PHE B 398 10.36 -13.16 -34.10
C PHE B 398 9.77 -12.12 -35.05
N GLU B 399 10.58 -11.40 -35.85
CA GLU B 399 10.09 -10.45 -36.87
C GLU B 399 9.06 -11.14 -37.77
N ASN B 400 9.38 -12.32 -38.28
CA ASN B 400 8.42 -13.19 -39.00
C ASN B 400 8.20 -14.49 -38.24
N PRO B 401 6.97 -14.70 -37.72
CA PRO B 401 6.58 -15.95 -37.06
C PRO B 401 6.78 -17.24 -37.88
N SER B 402 6.63 -17.13 -39.20
CA SER B 402 6.87 -18.23 -40.19
C SER B 402 8.30 -18.77 -40.06
N ALA B 403 9.28 -17.89 -39.83
CA ALA B 403 10.72 -18.23 -39.63
C ALA B 403 10.90 -19.40 -38.67
N ILE B 404 10.08 -19.51 -37.61
CA ILE B 404 10.25 -20.50 -36.50
C ILE B 404 9.47 -21.76 -36.83
N PRO B 405 10.12 -22.95 -36.89
CA PRO B 405 9.41 -24.21 -37.13
C PRO B 405 8.47 -24.66 -36.00
N GLN B 406 7.65 -25.67 -36.31
CA GLN B 406 6.66 -26.28 -35.39
C GLN B 406 7.40 -26.93 -34.21
N HIS B 407 7.00 -26.57 -33.00
CA HIS B 407 7.41 -27.21 -31.72
C HIS B 407 8.83 -26.79 -31.32
N ALA B 408 9.39 -25.78 -31.99
CA ALA B 408 10.66 -25.12 -31.63
C ALA B 408 10.41 -24.16 -30.45
N PHE B 409 9.23 -23.53 -30.42
CA PHE B 409 8.86 -22.43 -29.50
C PHE B 409 7.59 -22.81 -28.76
N LYS B 410 7.71 -23.28 -27.52
CA LYS B 410 6.58 -23.87 -26.77
C LYS B 410 6.51 -23.34 -25.34
N PRO B 411 6.61 -22.01 -25.09
CA PRO B 411 6.49 -21.49 -23.72
C PRO B 411 5.11 -21.70 -23.11
N PHE B 412 4.11 -22.06 -23.91
CA PHE B 412 2.71 -22.20 -23.47
C PHE B 412 2.27 -23.67 -23.60
N GLY B 413 3.22 -24.60 -23.63
CA GLY B 413 2.90 -26.04 -23.69
C GLY B 413 2.37 -26.41 -25.06
N ASN B 414 1.48 -27.41 -25.14
CA ASN B 414 1.22 -28.14 -26.40
C ASN B 414 -0.26 -28.48 -26.62
N GLY B 415 -0.76 -28.19 -27.82
CA GLY B 415 -2.06 -28.68 -28.35
C GLY B 415 -3.21 -28.36 -27.43
N GLN B 416 -4.16 -29.28 -27.30
CA GLN B 416 -5.38 -29.04 -26.51
C GLN B 416 -5.04 -28.76 -25.03
N ARG B 417 -3.86 -29.17 -24.52
CA ARG B 417 -3.47 -28.97 -23.09
C ARG B 417 -2.49 -27.79 -22.98
N ALA B 418 -2.54 -26.88 -23.95
CA ALA B 418 -1.74 -25.64 -23.95
C ALA B 418 -2.40 -24.64 -22.99
N CYS B 419 -1.67 -23.58 -22.65
CA CYS B 419 -2.12 -22.49 -21.74
C CYS B 419 -3.38 -21.84 -22.31
N ILE B 420 -4.51 -21.96 -21.62
CA ILE B 420 -5.80 -21.31 -22.02
C ILE B 420 -5.67 -19.79 -21.82
N GLY B 421 -4.76 -19.34 -20.93
CA GLY B 421 -4.59 -17.92 -20.56
C GLY B 421 -3.48 -17.23 -21.34
N GLN B 422 -2.97 -17.86 -22.40
CA GLN B 422 -1.89 -17.33 -23.26
C GLN B 422 -2.23 -15.91 -23.75
N GLN B 423 -3.42 -15.71 -24.34
CA GLN B 423 -3.75 -14.39 -24.96
C GLN B 423 -3.88 -13.36 -23.83
N PHE B 424 -4.40 -13.82 -22.68
CA PHE B 424 -4.66 -12.99 -21.48
C PHE B 424 -3.32 -12.46 -21.00
N ALA B 425 -2.36 -13.38 -20.80
CA ALA B 425 -0.99 -13.09 -20.32
C ALA B 425 -0.28 -12.12 -21.29
N LEU B 426 -0.37 -12.40 -22.58
CA LEU B 426 0.36 -11.59 -23.60
C LEU B 426 -0.29 -10.21 -23.71
N HIS B 427 -1.61 -10.10 -23.65
CA HIS B 427 -2.27 -8.77 -23.74
C HIS B 427 -1.84 -7.91 -22.55
N GLU B 428 -1.97 -8.47 -21.35
CA GLU B 428 -1.60 -7.81 -20.08
C GLU B 428 -0.14 -7.35 -20.15
N ALA B 429 0.80 -8.24 -20.55
CA ALA B 429 2.25 -7.96 -20.53
C ALA B 429 2.58 -6.91 -21.61
N THR B 430 1.91 -6.96 -22.76
CA THR B 430 2.13 -6.02 -23.88
C THR B 430 1.66 -4.62 -23.43
N LEU B 431 0.45 -4.52 -22.90
CA LEU B 431 -0.12 -3.28 -22.34
C LEU B 431 0.84 -2.68 -21.30
N VAL B 432 1.15 -3.44 -20.24
CA VAL B 432 1.91 -2.90 -19.08
C VAL B 432 3.33 -2.53 -19.57
N LEU B 433 3.99 -3.39 -20.34
CA LEU B 433 5.38 -3.10 -20.77
C LEU B 433 5.38 -1.88 -21.70
N GLY B 434 4.38 -1.78 -22.60
CA GLY B 434 4.22 -0.58 -23.45
C GLY B 434 4.14 0.69 -22.60
N MET B 435 3.24 0.71 -21.62
CA MET B 435 3.05 1.87 -20.71
C MET B 435 4.37 2.14 -19.97
N MET B 436 5.08 1.11 -19.50
CA MET B 436 6.32 1.31 -18.73
C MET B 436 7.33 2.03 -19.61
N LEU B 437 7.49 1.59 -20.85
CA LEU B 437 8.51 2.14 -21.78
C LEU B 437 8.16 3.58 -22.17
N LYS B 438 6.86 3.90 -22.23
CA LYS B 438 6.30 5.21 -22.65
C LYS B 438 6.52 6.22 -21.54
N HIS B 439 6.30 5.82 -20.29
CA HIS B 439 6.26 6.78 -19.14
C HIS B 439 7.65 6.93 -18.49
N PHE B 440 8.60 6.00 -18.67
CA PHE B 440 9.88 6.06 -17.92
C PHE B 440 11.11 5.66 -18.72
N ASP B 441 12.23 6.30 -18.38
CA ASP B 441 13.60 5.80 -18.66
C ASP B 441 14.03 4.93 -17.49
N PHE B 442 14.75 3.83 -17.76
CA PHE B 442 15.12 2.83 -16.74
C PHE B 442 16.64 2.78 -16.66
N GLU B 443 17.14 2.63 -15.44
CA GLU B 443 18.59 2.55 -15.13
C GLU B 443 18.82 1.25 -14.36
N ASP B 444 19.75 0.43 -14.86
CA ASP B 444 20.30 -0.76 -14.16
C ASP B 444 21.32 -0.24 -13.15
N HIS B 445 20.85 0.46 -12.13
CA HIS B 445 21.70 1.31 -11.25
C HIS B 445 22.67 0.44 -10.44
N THR B 446 22.36 -0.84 -10.19
CA THR B 446 23.23 -1.75 -9.39
C THR B 446 24.03 -2.68 -10.29
N ASN B 447 23.91 -2.56 -11.62
CA ASN B 447 24.53 -3.53 -12.57
C ASN B 447 24.11 -4.93 -12.11
N TYR B 448 22.81 -5.22 -12.20
CA TYR B 448 22.20 -6.39 -11.53
C TYR B 448 22.81 -7.68 -12.11
N GLU B 449 23.23 -8.58 -11.22
CA GLU B 449 23.76 -9.93 -11.54
C GLU B 449 22.59 -10.93 -11.56
N LEU B 450 22.14 -11.38 -12.74
CA LEU B 450 20.96 -12.28 -12.83
C LEU B 450 21.12 -13.45 -11.84
N ASP B 451 20.16 -13.60 -10.92
CA ASP B 451 20.03 -14.72 -9.95
C ASP B 451 18.59 -15.28 -10.05
N ILE B 452 18.41 -16.43 -10.69
CA ILE B 452 17.06 -16.96 -11.01
C ILE B 452 16.60 -17.88 -9.88
N LYS B 453 15.63 -17.40 -9.11
CA LYS B 453 15.08 -18.15 -7.96
C LYS B 453 14.00 -19.08 -8.52
N GLU B 454 14.00 -20.34 -8.07
CA GLU B 454 13.09 -21.40 -8.54
C GLU B 454 12.09 -21.75 -7.44
N THR B 455 10.81 -21.62 -7.76
CA THR B 455 9.65 -22.04 -6.96
C THR B 455 8.84 -22.92 -7.90
N LEU B 456 7.54 -22.70 -8.02
CA LEU B 456 6.68 -23.25 -9.10
C LEU B 456 7.10 -22.65 -10.46
N THR B 457 7.65 -21.43 -10.41
CA THR B 457 8.01 -20.60 -11.57
C THR B 457 9.46 -20.15 -11.44
N LEU B 458 9.93 -19.32 -12.39
CA LEU B 458 11.28 -18.68 -12.43
C LEU B 458 11.11 -17.17 -12.23
N LYS B 459 12.06 -16.56 -11.51
CA LYS B 459 12.01 -15.14 -11.10
C LYS B 459 13.44 -14.59 -11.02
N PRO B 460 13.73 -13.38 -11.53
CA PRO B 460 15.05 -12.78 -11.37
C PRO B 460 15.17 -12.14 -9.99
N GLU B 461 15.70 -12.88 -9.01
CA GLU B 461 15.60 -12.50 -7.58
C GLU B 461 16.46 -11.26 -7.35
N GLY B 462 15.90 -10.31 -6.60
CA GLY B 462 16.53 -9.03 -6.26
C GLY B 462 16.69 -8.10 -7.45
N PHE B 463 16.05 -8.36 -8.61
CA PHE B 463 16.15 -7.46 -9.78
C PHE B 463 15.55 -6.10 -9.40
N VAL B 464 16.39 -5.07 -9.40
CA VAL B 464 16.02 -3.67 -9.09
C VAL B 464 16.47 -2.75 -10.23
N VAL B 465 15.71 -1.67 -10.42
CA VAL B 465 15.99 -0.58 -11.39
C VAL B 465 15.59 0.76 -10.77
N LYS B 466 16.10 1.84 -11.33
CA LYS B 466 15.51 3.18 -11.12
C LYS B 466 14.70 3.51 -12.38
N ALA B 467 13.57 4.17 -12.20
CA ALA B 467 12.76 4.80 -13.25
C ALA B 467 12.87 6.32 -13.13
N LYS B 468 13.28 7.01 -14.19
CA LYS B 468 13.12 8.47 -14.33
C LYS B 468 11.87 8.76 -15.19
N SER B 469 10.92 9.45 -14.62
CA SER B 469 9.69 9.80 -15.38
C SER B 469 10.12 10.64 -16.59
N LYS B 470 9.43 10.42 -17.71
CA LYS B 470 9.43 11.29 -18.91
C LYS B 470 8.30 12.33 -18.78
N LYS B 471 7.67 12.38 -17.59
CA LYS B 471 6.61 13.34 -17.16
C LYS B 471 5.54 13.48 -18.24
N ILE B 472 5.00 12.36 -18.72
CA ILE B 472 3.88 12.34 -19.71
C ILE B 472 2.61 12.06 -18.93
N PRO B 473 1.59 12.95 -19.04
CA PRO B 473 0.39 12.87 -18.20
C PRO B 473 -0.41 11.59 -18.51
N LEU B 474 -1.12 11.05 -17.51
CA LEU B 474 -2.14 9.96 -17.63
C LEU B 474 -3.55 10.58 -17.59
N GLY B 475 -4.53 9.86 -17.02
CA GLY B 475 -5.88 10.35 -16.70
C GLY B 475 -6.22 10.20 -15.23
O1 WAA C . -0.84 19.16 32.46
C1 WAA C . -0.22 18.50 31.64
C2 WAA C . -0.89 17.66 30.54
C3 WAA C . -2.39 17.79 30.68
C4 WAA C . -0.49 16.19 30.72
C5 WAA C . -0.98 15.32 29.56
C6 WAA C . -0.42 15.76 28.22
C7 WAA C . -0.66 17.26 27.95
C8 WAA C . -2.10 17.45 27.42
C9 WAA C . -0.32 18.14 29.17
C10 WAA C . -0.52 19.64 28.91
C11 WAA C . 0.21 20.06 27.65
C12 WAA C . 0.53 19.14 26.69
C13 WAA C . 1.13 19.57 25.41
C14 WAA C . 0.33 17.66 26.87
C15 WAA C . -0.01 17.04 25.51
C16 WAA C . 1.22 17.17 24.64
C17 WAA C . 1.47 18.64 24.45
C18 WAA C . 2.07 19.03 23.13
C19 WAA C . 3.32 18.15 22.84
C20 WAA C . 0.98 18.88 22.06
N WAA C . 1.12 18.55 31.64
CA WAA C . 1.86 19.56 32.39
C WAA C . 3.21 19.66 31.74
O WAA C . 4.08 20.40 32.27
CB WAA C . 1.97 19.27 33.89
CG WAA C . 2.65 17.94 34.14
CD1 WAA C . 2.08 16.68 33.98
CD2 WAA C . 3.96 17.70 34.52
NE1 WAA C . 2.99 15.69 34.25
CE2 WAA C . 4.16 16.31 34.58
CE3 WAA C . 5.00 18.62 34.81
CZ2 WAA C . 5.43 15.83 34.96
CZ3 WAA C . 6.26 18.12 35.19
CH2 WAA C . 6.47 16.72 35.26
OXT WAA C . 3.46 19.01 30.69
O1A CV0 D . 1.68 25.80 23.49
CGA CV0 D . 0.86 26.29 22.71
O2A CV0 D . 0.26 27.45 22.98
CBA CV0 D . 0.50 25.59 21.41
CAA CV0 D . -0.48 26.38 20.52
C2A CV0 D . -0.99 25.54 19.37
C1A CV0 D . -0.33 25.29 18.13
CHA CV0 D . 0.98 25.84 17.78
C3A CV0 D . -2.18 24.85 19.28
CMA CV0 D . -3.26 24.73 20.34
C4A CV0 D . -2.18 24.22 18.02
CHB CV0 D . -3.27 23.35 17.56
C1B CV0 D . -3.44 22.64 16.27
C2B CV0 D . -4.54 21.87 15.97
CMB CV0 D . -5.76 21.59 16.79
C3B CV0 D . -4.18 21.44 14.71
CAB CV0 D . -4.98 20.55 13.80
CBB CV0 D . -6.35 21.12 13.58
NB CV0 D . -2.48 22.76 15.36
NA CV0 D . -1.08 24.49 17.37
RH CV0 D . -0.65 23.74 15.43
ND CV0 D . 1.18 24.76 15.51
C4D CV0 D . 1.65 25.55 16.51
C3D CV0 D . 2.92 26.03 16.19
CAD CV0 D . 3.83 26.93 16.96
CBD CV0 D . 3.45 28.35 16.53
CGD CV0 D . 4.28 29.41 17.28
O1D CV0 D . 4.50 29.34 18.59
O2D CV0 D . 4.79 30.31 16.64
NC CV0 D . -0.23 23.02 13.48
C1C CV0 D . -0.99 22.25 12.74
CHC CV0 D . -2.29 21.73 13.10
C4B CV0 D . -2.93 21.97 14.40
C2C CV0 D . -0.38 22.00 11.51
CMC CV0 D . -0.90 21.16 10.32
C3C CV0 D . 0.83 22.67 11.59
CAC CV0 D . 1.91 22.67 10.55
CBC CV0 D . 1.85 23.75 9.57
C4C CV0 D . 0.88 23.29 12.81
CHD CV0 D . 2.03 24.08 13.26
C1D CV0 D . 2.08 24.78 14.54
C2D CV0 D . 3.17 25.54 14.93
CMD CV0 D . 4.43 25.76 14.13
S DMS E . 0.41 21.93 16.45
O DMS E . 0.34 20.76 15.56
C1 DMS E . 2.15 22.11 16.83
C2 DMS E . -0.18 21.35 18.00
O1 WAA F . 11.26 -32.80 -13.27
C1 WAA F . 10.77 -32.23 -12.29
C2 WAA F . 10.93 -30.71 -12.13
C3 WAA F . 11.95 -30.22 -13.16
C4 WAA F . 11.45 -30.40 -10.71
C5 WAA F . 11.35 -28.92 -10.35
C6 WAA F . 9.97 -28.29 -10.57
C7 WAA F . 9.40 -28.60 -11.96
C8 WAA F . 10.06 -27.70 -13.01
C9 WAA F . 9.51 -30.11 -12.28
C10 WAA F . 8.84 -30.48 -13.60
C11 WAA F . 7.47 -29.84 -13.74
C12 WAA F . 7.09 -28.81 -12.97
C13 WAA F . 5.78 -28.20 -13.19
C14 WAA F . 7.93 -28.26 -11.85
C15 WAA F . 7.63 -26.75 -11.72
C16 WAA F . 6.19 -26.63 -11.30
C17 WAA F . 5.34 -27.19 -12.41
C18 WAA F . 3.99 -26.58 -12.69
C19 WAA F . 4.17 -25.26 -13.48
C20 WAA F . 3.17 -26.47 -11.39
N WAA F . 9.98 -32.90 -11.42
CA WAA F . 9.43 -34.21 -11.75
C WAA F . 7.97 -34.31 -11.34
O WAA F . 7.29 -35.29 -11.70
CB WAA F . 10.30 -35.34 -11.22
CG WAA F . 10.64 -35.20 -9.75
CD1 WAA F . 11.37 -34.21 -9.16
CD2 WAA F . 10.31 -36.06 -8.70
NE1 WAA F . 11.49 -34.45 -7.82
CE2 WAA F . 10.83 -35.58 -7.52
CE3 WAA F . 9.58 -37.22 -8.71
CZ2 WAA F . 10.60 -36.29 -6.35
CZ3 WAA F . 9.34 -37.93 -7.54
CH2 WAA F . 9.86 -37.47 -6.34
OXT WAA F . 7.43 -33.40 -10.67
O1A CV0 G . 1.39 -29.33 -17.80
CGA CV0 G . 1.34 -28.59 -18.80
O2A CV0 G . 1.57 -29.12 -20.02
CBA CV0 G . 1.00 -27.10 -18.63
CAA CV0 G . 0.91 -26.29 -19.95
C2A CV0 G . 0.94 -24.79 -19.67
C1A CV0 G . -0.11 -23.96 -19.23
CHA CV0 G . -1.49 -24.38 -18.96
C3A CV0 G . 2.06 -23.95 -19.75
CMA CV0 G . 3.44 -24.33 -20.16
C4A CV0 G . 1.64 -22.67 -19.37
CHB CV0 G . 2.54 -21.49 -19.34
C1B CV0 G . 2.26 -20.08 -18.96
C2B CV0 G . 3.18 -19.07 -18.98
CMB CV0 G . 4.66 -19.09 -19.36
C3B CV0 G . 2.38 -18.05 -18.55
CAB CV0 G . 2.87 -16.68 -18.33
CBB CV0 G . 3.12 -15.89 -19.58
NB CV0 G . 1.04 -19.84 -18.53
NA CV0 G . 0.34 -22.74 -19.06
RH CV0 G . -0.77 -21.02 -18.28
ND CV0 G . -2.47 -22.21 -18.12
C4D CV0 G . -2.54 -23.53 -18.40
C3D CV0 G . -3.80 -24.03 -18.07
CAD CV0 G . -4.34 -25.42 -18.23
CBD CV0 G . -4.87 -25.61 -19.63
CGD CV0 G . -5.58 -26.96 -19.82
O1D CV0 G . -4.91 -28.06 -19.57
O2D CV0 G . -6.76 -27.05 -20.18
NC CV0 G . -1.89 -19.26 -17.55
C1C CV0 G . -1.41 -18.05 -17.48
CHC CV0 G . -0.04 -17.67 -17.82
C4B CV0 G . 1.08 -18.53 -18.31
C2C CV0 G . -2.44 -17.19 -17.03
CMC CV0 G . -2.33 -15.70 -16.79
C3C CV0 G . -3.56 -18.02 -16.88
CAC CV0 G . -4.93 -17.74 -16.40
CBC CV0 G . -5.56 -16.43 -16.73
C4C CV0 G . -3.15 -19.31 -17.21
CHD CV0 G . -4.00 -20.51 -17.18
C1D CV0 G . -3.63 -21.84 -17.63
C2D CV0 G . -4.48 -22.96 -17.57
CMD CV0 G . -5.88 -22.98 -17.08
S DMS H . -0.08 -21.60 -16.19
O DMS H . 0.07 -20.33 -15.46
C1 DMS H . -1.15 -22.59 -15.18
C2 DMS H . 1.42 -22.49 -15.90
#